data_3VI7
#
_entry.id   3VI7
#
_cell.length_a   49.043
_cell.length_b   47.359
_cell.length_c   184.941
_cell.angle_alpha   90.000
_cell.angle_beta   97.410
_cell.angle_gamma   90.000
#
_symmetry.space_group_name_H-M   'P 1 21 1'
#
loop_
_entity.id
_entity.type
_entity.pdbx_description
1 polymer 'Hematopoietic prostaglandin D synthase'
2 non-polymer GLUTATHIONE
3 non-polymer 'CIBACRON BLUE'
4 non-polymer 'CALCIUM ION'
5 water water
#
_entity_poly.entity_id   1
_entity_poly.type   'polypeptide(L)'
_entity_poly.pdbx_seq_one_letter_code
;PNYKLTYFNMRGRAEIIRYIFAYLDIQYEDHRIEQADWPEIKSTLPFGKIPILEVDGLTLHQSLAIARYLTKNTDLAGNT
EMEQCHVDAIVDTLDDFMSCFPWAEKKQDVKEQMFNELLTYNAPHLMQDLDTYLGGREWLIGMSVTWADFYWEICSTTLL
VFKPDLLDNHPRLVTLRKKVQAIPAVANWIKRRPQTKL
;
_entity_poly.pdbx_strand_id   A,B,C,D
#
loop_
_chem_comp.id
_chem_comp.type
_chem_comp.name
_chem_comp.formula
CA non-polymer 'CALCIUM ION' 'Ca 2'
CBD non-polymer 'CIBACRON BLUE' 'C29 H20 Cl N7 O11 S3'
GSH non-polymer GLUTATHIONE 'C10 H17 N3 O6 S'
#
# COMPACT_ATOMS: atom_id res chain seq x y z
N PRO A 1 -27.79 -21.27 -21.15
CA PRO A 1 -27.32 -21.29 -19.78
C PRO A 1 -28.42 -21.88 -18.90
N ASN A 2 -28.04 -22.60 -17.86
CA ASN A 2 -28.88 -22.96 -16.76
C ASN A 2 -28.68 -21.84 -15.71
N TYR A 3 -29.80 -21.37 -15.13
CA TYR A 3 -29.79 -20.21 -14.22
C TYR A 3 -30.31 -20.63 -12.87
N LYS A 4 -29.58 -20.28 -11.83
CA LYS A 4 -30.06 -20.50 -10.46
C LYS A 4 -29.89 -19.21 -9.70
N LEU A 5 -31.03 -18.58 -9.34
CA LEU A 5 -31.09 -17.31 -8.52
C LEU A 5 -31.22 -17.72 -7.05
N THR A 6 -30.31 -17.27 -6.18
CA THR A 6 -30.41 -17.55 -4.76
C THR A 6 -30.73 -16.26 -4.01
N TYR A 7 -31.82 -16.30 -3.24
CA TYR A 7 -32.11 -15.14 -2.36
C TYR A 7 -32.97 -15.59 -1.18
N PHE A 8 -33.39 -14.64 -0.33
CA PHE A 8 -34.41 -14.97 0.74
C PHE A 8 -35.80 -15.12 0.14
N ASN A 9 -36.74 -15.68 0.90
CA ASN A 9 -38.11 -15.70 0.42
C ASN A 9 -38.71 -14.32 0.54
N MET A 10 -38.24 -13.36 -0.26
CA MET A 10 -38.88 -12.04 -0.31
C MET A 10 -38.63 -11.48 -1.66
N ARG A 11 -39.29 -10.33 -1.91
CA ARG A 11 -39.10 -9.64 -3.21
C ARG A 11 -37.70 -9.03 -3.10
N GLY A 12 -37.50 -8.06 -2.19
CA GLY A 12 -36.16 -7.46 -1.97
C GLY A 12 -35.37 -7.16 -3.24
N ARG A 13 -34.09 -7.37 -3.15
CA ARG A 13 -33.14 -7.03 -4.15
C ARG A 13 -33.12 -8.08 -5.27
N ALA A 14 -33.87 -9.20 -5.15
CA ALA A 14 -33.88 -10.20 -6.17
C ALA A 14 -34.99 -9.86 -7.13
N GLU A 15 -36.01 -9.10 -6.72
CA GLU A 15 -37.26 -8.99 -7.54
C GLU A 15 -37.00 -8.42 -8.93
N ILE A 16 -36.00 -7.53 -9.06
CA ILE A 16 -35.73 -6.88 -10.37
C ILE A 16 -35.27 -7.97 -11.33
N ILE A 17 -34.50 -8.92 -10.81
CA ILE A 17 -34.06 -10.05 -11.63
C ILE A 17 -35.20 -10.97 -12.06
N ARG A 18 -36.04 -11.32 -11.11
CA ARG A 18 -37.23 -12.17 -11.37
C ARG A 18 -38.15 -11.53 -12.37
N TYR A 19 -38.24 -10.18 -12.35
CA TYR A 19 -39.11 -9.57 -13.37
C TYR A 19 -38.54 -9.73 -14.77
N ILE A 20 -37.24 -9.51 -14.88
CA ILE A 20 -36.56 -9.61 -16.18
C ILE A 20 -36.68 -11.03 -16.73
N PHE A 21 -36.40 -12.05 -15.90
CA PHE A 21 -36.73 -13.44 -16.31
C PHE A 21 -38.19 -13.63 -16.78
N ALA A 22 -39.17 -13.07 -16.05
CA ALA A 22 -40.57 -13.25 -16.43
C ALA A 22 -40.79 -12.58 -17.80
N TYR A 23 -40.33 -11.34 -17.93
CA TYR A 23 -40.55 -10.54 -19.11
C TYR A 23 -39.99 -11.23 -20.34
N LEU A 24 -38.76 -11.72 -20.23
CA LEU A 24 -38.08 -12.41 -21.34
C LEU A 24 -38.50 -13.88 -21.51
N ASP A 25 -39.41 -14.37 -20.67
CA ASP A 25 -39.88 -15.76 -20.74
C ASP A 25 -38.65 -16.74 -20.74
N ILE A 26 -37.73 -16.52 -19.78
CA ILE A 26 -36.58 -17.38 -19.55
C ILE A 26 -36.72 -18.21 -18.27
N GLN A 27 -36.55 -19.54 -18.36
CA GLN A 27 -36.74 -20.44 -17.21
C GLN A 27 -35.54 -20.30 -16.27
N TYR A 28 -35.75 -20.46 -14.96
CA TYR A 28 -34.62 -20.38 -13.99
C TYR A 28 -35.10 -21.04 -12.71
N GLU A 29 -34.19 -21.43 -11.86
CA GLU A 29 -34.49 -21.95 -10.53
C GLU A 29 -34.53 -20.76 -9.53
N ASP A 30 -35.73 -20.46 -9.02
CA ASP A 30 -35.86 -19.38 -8.07
C ASP A 30 -35.63 -19.99 -6.67
N HIS A 31 -34.37 -20.10 -6.26
CA HIS A 31 -34.05 -20.77 -5.01
C HIS A 31 -34.23 -19.79 -3.85
N ARG A 32 -35.17 -20.11 -2.93
CA ARG A 32 -35.44 -19.22 -1.78
C ARG A 32 -34.98 -19.89 -0.49
N ILE A 33 -33.98 -19.32 0.14
CA ILE A 33 -33.40 -19.97 1.33
C ILE A 33 -34.11 -19.48 2.62
N GLU A 34 -34.10 -20.33 3.65
CA GLU A 34 -34.61 -19.99 5.01
C GLU A 34 -33.54 -19.30 5.84
N GLN A 35 -33.91 -18.56 6.86
CA GLN A 35 -32.94 -17.93 7.69
C GLN A 35 -31.96 -19.01 8.16
N ALA A 36 -32.50 -20.15 8.55
CA ALA A 36 -31.64 -21.10 9.26
C ALA A 36 -30.56 -21.68 8.32
N ASP A 37 -30.71 -21.51 6.99
CA ASP A 37 -29.70 -21.95 5.99
C ASP A 37 -28.54 -20.91 5.87
N TRP A 38 -28.69 -19.73 6.44
CA TRP A 38 -27.89 -18.60 5.98
C TRP A 38 -26.41 -18.80 6.23
N PRO A 39 -26.04 -19.33 7.42
CA PRO A 39 -24.59 -19.49 7.61
C PRO A 39 -23.89 -20.39 6.58
N GLU A 40 -24.53 -21.49 6.14
CA GLU A 40 -24.02 -22.32 5.05
C GLU A 40 -24.09 -21.61 3.69
N ILE A 41 -25.20 -20.97 3.37
CA ILE A 41 -25.25 -20.32 2.08
C ILE A 41 -24.15 -19.24 1.99
N LYS A 42 -24.04 -18.41 3.04
CA LYS A 42 -23.16 -17.28 3.05
C LYS A 42 -21.67 -17.65 2.89
N SER A 43 -21.27 -18.82 3.41
CA SER A 43 -19.86 -19.28 3.32
C SER A 43 -19.43 -19.50 1.89
N THR A 44 -20.39 -19.54 0.94
CA THR A 44 -20.02 -19.88 -0.42
C THR A 44 -20.13 -18.67 -1.34
N LEU A 45 -20.54 -17.51 -0.80
CA LEU A 45 -20.73 -16.31 -1.58
C LEU A 45 -19.45 -15.48 -1.63
N PRO A 46 -19.27 -14.77 -2.74
CA PRO A 46 -17.96 -14.06 -2.83
C PRO A 46 -17.81 -12.85 -1.88
N PHE A 47 -18.88 -12.12 -1.59
CA PHE A 47 -18.77 -11.02 -0.66
C PHE A 47 -19.79 -11.05 0.45
N GLY A 48 -20.26 -12.26 0.76
CA GLY A 48 -21.23 -12.46 1.83
C GLY A 48 -22.62 -11.90 1.57
N LYS A 49 -22.97 -11.62 0.31
CA LYS A 49 -24.28 -11.04 0.04
C LYS A 49 -25.09 -11.79 -1.00
N ILE A 50 -26.40 -11.72 -0.86
CA ILE A 50 -27.29 -12.22 -1.92
C ILE A 50 -28.13 -11.04 -2.38
N PRO A 51 -28.74 -11.12 -3.59
CA PRO A 51 -28.83 -12.26 -4.48
C PRO A 51 -27.47 -12.65 -5.19
N ILE A 52 -27.35 -13.91 -5.59
CA ILE A 52 -26.35 -14.32 -6.55
C ILE A 52 -27.11 -15.05 -7.65
N LEU A 53 -26.57 -15.05 -8.89
CA LEU A 53 -27.20 -15.85 -9.93
C LEU A 53 -26.13 -16.69 -10.53
N GLU A 54 -26.32 -17.99 -10.52
CA GLU A 54 -25.30 -18.91 -11.06
C GLU A 54 -25.71 -19.13 -12.43
N VAL A 55 -24.75 -19.03 -13.36
CA VAL A 55 -24.98 -19.16 -14.77
C VAL A 55 -23.97 -20.25 -15.29
N ASP A 56 -24.47 -21.35 -15.81
CA ASP A 56 -23.60 -22.49 -16.18
C ASP A 56 -22.42 -22.74 -15.24
N GLY A 57 -22.74 -22.82 -13.93
CA GLY A 57 -21.76 -23.06 -12.92
C GLY A 57 -20.93 -21.84 -12.46
N LEU A 58 -21.13 -20.68 -13.07
CA LEU A 58 -20.33 -19.48 -12.64
C LEU A 58 -21.19 -18.50 -11.85
N THR A 59 -20.59 -17.89 -10.82
CA THR A 59 -21.41 -17.06 -9.93
C THR A 59 -21.39 -15.60 -10.35
N LEU A 60 -22.57 -15.03 -10.52
CA LEU A 60 -22.62 -13.59 -10.61
C LEU A 60 -23.22 -13.03 -9.29
N HIS A 61 -22.86 -11.79 -8.92
CA HIS A 61 -23.46 -11.18 -7.74
C HIS A 61 -23.79 -9.74 -8.03
N GLN A 62 -24.44 -9.10 -7.02
CA GLN A 62 -24.91 -7.70 -7.07
C GLN A 62 -26.17 -7.57 -7.94
N SER A 63 -27.32 -7.28 -7.26
CA SER A 63 -28.55 -7.32 -7.99
C SER A 63 -28.61 -6.52 -9.31
N LEU A 64 -28.06 -5.31 -9.30
CA LEU A 64 -28.26 -4.41 -10.45
C LEU A 64 -27.22 -4.74 -11.50
N ALA A 65 -26.07 -5.24 -11.09
CA ALA A 65 -25.12 -5.80 -12.08
C ALA A 65 -25.78 -6.96 -12.89
N ILE A 66 -26.43 -7.84 -12.18
CA ILE A 66 -27.11 -9.04 -12.72
C ILE A 66 -28.27 -8.60 -13.59
N ALA A 67 -29.06 -7.63 -13.10
CA ALA A 67 -30.15 -7.14 -13.95
C ALA A 67 -29.61 -6.53 -15.22
N ARG A 68 -28.55 -5.73 -15.12
CA ARG A 68 -27.99 -5.17 -16.33
C ARG A 68 -27.48 -6.27 -17.27
N TYR A 69 -26.74 -7.26 -16.71
CA TYR A 69 -26.29 -8.41 -17.53
C TYR A 69 -27.48 -9.04 -18.31
N LEU A 70 -28.57 -9.30 -17.61
CA LEU A 70 -29.69 -10.02 -18.24
C LEU A 70 -30.45 -9.23 -19.36
N THR A 71 -30.34 -7.90 -19.31
CA THR A 71 -31.10 -7.08 -20.25
C THR A 71 -30.27 -6.66 -21.48
N LYS A 72 -28.96 -6.88 -21.42
CA LYS A 72 -28.08 -6.55 -22.53
C LYS A 72 -28.64 -7.21 -23.79
N ASN A 73 -28.66 -6.46 -24.89
CA ASN A 73 -29.12 -7.00 -26.20
C ASN A 73 -30.57 -7.39 -26.15
N THR A 74 -31.38 -6.77 -25.27
CA THR A 74 -32.82 -6.97 -25.24
C THR A 74 -33.55 -5.59 -25.38
N ASP A 75 -34.87 -5.60 -25.62
CA ASP A 75 -35.67 -4.34 -25.70
C ASP A 75 -35.79 -3.66 -24.34
N LEU A 76 -35.36 -4.34 -23.25
CA LEU A 76 -35.39 -3.68 -21.91
C LEU A 76 -34.22 -2.74 -21.59
N ALA A 77 -33.16 -2.82 -22.41
CA ALA A 77 -31.88 -2.14 -22.16
C ALA A 77 -31.83 -0.61 -22.23
N GLY A 78 -32.60 -0.06 -23.14
CA GLY A 78 -32.31 1.33 -23.56
C GLY A 78 -31.92 1.17 -25.03
N ASN A 79 -32.47 2.02 -25.89
CA ASN A 79 -32.31 1.81 -27.34
C ASN A 79 -31.05 2.44 -27.94
N THR A 80 -30.38 3.27 -27.14
CA THR A 80 -29.13 3.93 -27.53
C THR A 80 -28.18 3.99 -26.31
N GLU A 81 -26.95 4.36 -26.56
CA GLU A 81 -25.95 4.39 -25.48
C GLU A 81 -26.32 5.48 -24.51
N MET A 82 -26.84 6.59 -25.03
CA MET A 82 -27.29 7.70 -24.16
C MET A 82 -28.47 7.22 -23.32
N GLU A 83 -29.43 6.53 -23.94
CA GLU A 83 -30.59 6.04 -23.13
C GLU A 83 -30.16 4.96 -22.14
N GLN A 84 -29.25 4.07 -22.55
CA GLN A 84 -28.69 3.12 -21.61
C GLN A 84 -28.08 3.82 -20.37
N CYS A 85 -27.45 4.96 -20.59
CA CYS A 85 -26.89 5.69 -19.51
C CYS A 85 -27.99 6.21 -18.59
N HIS A 86 -29.09 6.69 -19.19
CA HIS A 86 -30.23 7.18 -18.41
C HIS A 86 -30.94 6.08 -17.66
N VAL A 87 -31.06 4.93 -18.28
CA VAL A 87 -31.65 3.80 -17.58
C VAL A 87 -30.85 3.52 -16.30
N ASP A 88 -29.54 3.39 -16.46
CA ASP A 88 -28.65 3.18 -15.31
C ASP A 88 -28.79 4.29 -14.27
N ALA A 89 -28.94 5.54 -14.74
CA ALA A 89 -28.92 6.62 -13.80
C ALA A 89 -30.21 6.65 -12.97
N ILE A 90 -31.33 6.37 -13.59
CA ILE A 90 -32.59 6.32 -12.82
C ILE A 90 -32.61 5.15 -11.84
N VAL A 91 -32.11 4.03 -12.32
CA VAL A 91 -31.93 2.89 -11.45
C VAL A 91 -31.06 3.23 -10.23
N ASP A 92 -29.93 3.89 -10.43
CA ASP A 92 -29.04 4.12 -9.29
C ASP A 92 -29.67 5.19 -8.30
N THR A 93 -30.39 6.12 -8.89
CA THR A 93 -31.16 7.15 -8.06
C THR A 93 -32.18 6.50 -7.13
N LEU A 94 -32.91 5.53 -7.65
CA LEU A 94 -33.87 4.76 -6.87
C LEU A 94 -33.12 3.95 -5.83
N ASP A 95 -32.06 3.30 -6.28
CA ASP A 95 -31.30 2.38 -5.42
C ASP A 95 -30.68 3.12 -4.26
N ASP A 96 -30.15 4.32 -4.53
CA ASP A 96 -29.58 5.21 -3.51
C ASP A 96 -30.66 5.53 -2.47
N PHE A 97 -31.87 5.83 -2.90
CA PHE A 97 -32.86 6.19 -1.88
C PHE A 97 -33.27 4.93 -1.06
N MET A 98 -33.46 3.78 -1.74
CA MET A 98 -33.82 2.52 -1.05
C MET A 98 -32.78 2.20 0.04
N SER A 99 -31.51 2.45 -0.26
CA SER A 99 -30.45 2.11 0.68
C SER A 99 -30.34 3.12 1.85
N CYS A 100 -31.06 4.25 1.82
CA CYS A 100 -31.19 5.12 3.02
C CYS A 100 -31.91 4.43 4.17
N PHE A 101 -32.81 3.50 3.85
CA PHE A 101 -33.60 2.88 4.94
C PHE A 101 -32.81 1.87 5.82
N PRO A 102 -33.02 1.90 7.16
CA PRO A 102 -32.31 0.96 8.05
C PRO A 102 -32.96 -0.43 8.08
N TRP A 103 -32.89 -1.17 6.96
CA TRP A 103 -33.67 -2.43 6.86
C TRP A 103 -33.34 -3.44 7.95
N ALA A 104 -32.08 -3.44 8.36
CA ALA A 104 -31.62 -4.43 9.31
C ALA A 104 -31.60 -3.88 10.75
N GLU A 105 -32.13 -2.67 10.97
CA GLU A 105 -32.13 -2.13 12.35
C GLU A 105 -32.89 -3.04 13.31
N LYS A 106 -32.25 -3.40 14.42
CA LYS A 106 -32.89 -4.28 15.44
C LYS A 106 -33.92 -3.59 16.34
N LYS A 107 -33.61 -2.38 16.81
CA LYS A 107 -34.54 -1.67 17.67
C LYS A 107 -35.80 -1.20 16.88
N GLN A 108 -36.94 -1.85 17.11
CA GLN A 108 -38.16 -1.60 16.31
C GLN A 108 -38.56 -0.14 16.26
N ASP A 109 -38.59 0.48 17.44
CA ASP A 109 -39.08 1.86 17.57
C ASP A 109 -38.21 2.82 16.76
N VAL A 110 -36.89 2.66 16.87
CA VAL A 110 -35.97 3.48 16.08
C VAL A 110 -36.04 3.19 14.56
N LYS A 111 -36.29 1.92 14.18
CA LYS A 111 -36.34 1.58 12.77
C LYS A 111 -37.53 2.38 12.24
N GLU A 112 -38.70 2.17 12.85
CA GLU A 112 -39.92 2.90 12.57
C GLU A 112 -39.80 4.41 12.43
N GLN A 113 -39.16 5.05 13.41
CA GLN A 113 -39.04 6.46 13.44
C GLN A 113 -38.24 6.92 12.23
N MET A 114 -37.17 6.22 11.91
CA MET A 114 -36.40 6.58 10.73
C MET A 114 -37.08 6.36 9.37
N PHE A 115 -37.78 5.22 9.23
CA PHE A 115 -38.65 4.98 8.07
C PHE A 115 -39.65 6.16 7.93
N ASN A 116 -40.33 6.50 8.99
CA ASN A 116 -41.34 7.61 8.88
C ASN A 116 -40.73 8.97 8.52
N GLU A 117 -39.64 9.31 9.18
CA GLU A 117 -38.89 10.50 8.81
C GLU A 117 -38.41 10.46 7.35
N LEU A 118 -37.84 9.34 6.92
CA LEU A 118 -37.42 9.27 5.49
C LEU A 118 -38.60 9.46 4.50
N LEU A 119 -39.69 8.78 4.81
CA LEU A 119 -40.84 8.80 3.93
C LEU A 119 -41.57 10.11 3.90
N THR A 120 -41.51 10.86 5.01
CA THR A 120 -42.22 12.20 5.14
C THR A 120 -41.39 13.39 4.65
N TYR A 121 -40.14 13.45 5.09
CA TYR A 121 -39.21 14.57 4.85
C TYR A 121 -38.35 14.41 3.61
N ASN A 122 -38.00 13.17 3.20
CA ASN A 122 -37.13 12.96 2.05
C ASN A 122 -37.85 12.51 0.75
N ALA A 123 -38.71 11.48 0.86
CA ALA A 123 -39.35 10.86 -0.32
C ALA A 123 -40.10 11.88 -1.19
N PRO A 124 -40.77 12.90 -0.57
CA PRO A 124 -41.51 13.81 -1.43
C PRO A 124 -40.61 14.54 -2.45
N HIS A 125 -39.38 14.88 -2.08
CA HIS A 125 -38.49 15.57 -3.06
C HIS A 125 -38.08 14.61 -4.22
N LEU A 126 -37.79 13.37 -3.88
CA LEU A 126 -37.57 12.39 -4.96
C LEU A 126 -38.81 12.10 -5.84
N MET A 127 -39.98 11.95 -5.23
CA MET A 127 -41.22 11.77 -6.03
C MET A 127 -41.41 12.92 -7.04
N GLN A 128 -41.29 14.15 -6.53
CA GLN A 128 -41.35 15.31 -7.35
C GLN A 128 -40.31 15.31 -8.46
N ASP A 129 -39.03 15.06 -8.15
CA ASP A 129 -38.01 14.94 -9.23
C ASP A 129 -38.39 13.84 -10.22
N LEU A 130 -38.91 12.71 -9.76
CA LEU A 130 -39.21 11.61 -10.71
C LEU A 130 -40.41 11.96 -11.66
N ASP A 131 -41.42 12.58 -11.07
CA ASP A 131 -42.61 13.02 -11.79
C ASP A 131 -42.18 14.09 -12.83
N THR A 132 -41.39 15.08 -12.43
CA THR A 132 -40.94 16.10 -13.33
C THR A 132 -40.12 15.48 -14.48
N TYR A 133 -39.17 14.60 -14.11
CA TYR A 133 -38.48 13.78 -15.08
C TYR A 133 -39.34 13.05 -16.10
N LEU A 134 -40.37 12.33 -15.65
CA LEU A 134 -41.26 11.62 -16.52
C LEU A 134 -42.14 12.54 -17.41
N GLY A 135 -42.55 13.70 -16.86
CA GLY A 135 -43.41 14.63 -17.64
C GLY A 135 -44.60 13.88 -18.16
N GLY A 136 -45.01 14.16 -19.41
CA GLY A 136 -46.18 13.48 -19.92
C GLY A 136 -45.82 12.25 -20.73
N ARG A 137 -44.56 11.82 -20.62
CA ARG A 137 -44.15 10.67 -21.40
C ARG A 137 -44.73 9.34 -20.84
N GLU A 138 -44.70 8.29 -21.66
CA GLU A 138 -45.32 7.05 -21.31
C GLU A 138 -44.41 6.24 -20.33
N TRP A 139 -43.09 6.26 -20.59
CA TRP A 139 -42.15 5.44 -19.85
C TRP A 139 -41.05 6.35 -19.43
N LEU A 140 -40.25 5.89 -18.45
CA LEU A 140 -39.22 6.82 -17.92
C LEU A 140 -38.16 7.18 -18.98
N ILE A 141 -37.80 6.20 -19.81
CA ILE A 141 -36.80 6.40 -20.86
C ILE A 141 -37.21 5.85 -22.23
N GLY A 142 -37.09 6.72 -23.25
CA GLY A 142 -37.41 6.30 -24.62
C GLY A 142 -38.90 6.14 -24.82
N MET A 143 -39.28 5.38 -25.82
CA MET A 143 -40.68 5.33 -26.20
C MET A 143 -41.18 3.96 -25.94
N SER A 144 -40.35 3.20 -25.21
CA SER A 144 -40.65 1.85 -24.89
C SER A 144 -40.28 1.47 -23.38
N VAL A 145 -40.88 0.39 -22.87
CA VAL A 145 -40.55 -0.04 -21.48
C VAL A 145 -39.09 -0.48 -21.31
N THR A 146 -38.47 -0.07 -20.21
CA THR A 146 -37.11 -0.56 -19.88
C THR A 146 -37.13 -1.07 -18.45
N TRP A 147 -36.01 -1.63 -18.02
CA TRP A 147 -35.96 -2.17 -16.67
C TRP A 147 -35.97 -1.09 -15.64
N ALA A 148 -35.72 0.17 -16.03
CA ALA A 148 -35.82 1.28 -15.11
C ALA A 148 -37.28 1.40 -14.67
N ASP A 149 -38.24 1.24 -15.62
CA ASP A 149 -39.67 1.23 -15.25
C ASP A 149 -39.95 0.10 -14.29
N PHE A 150 -39.41 -1.08 -14.60
CA PHE A 150 -39.58 -2.21 -13.65
C PHE A 150 -39.07 -1.81 -12.27
N TYR A 151 -37.93 -1.17 -12.22
CA TYR A 151 -37.33 -0.89 -10.93
C TYR A 151 -38.15 0.13 -10.16
N TRP A 152 -38.72 1.09 -10.89
CA TRP A 152 -39.59 2.09 -10.24
C TRP A 152 -40.84 1.34 -9.63
N GLU A 153 -41.44 0.41 -10.39
CA GLU A 153 -42.64 -0.28 -9.89
C GLU A 153 -42.28 -1.10 -8.64
N ILE A 154 -41.12 -1.76 -8.70
CA ILE A 154 -40.64 -2.60 -7.62
C ILE A 154 -40.38 -1.81 -6.37
N CYS A 155 -39.65 -0.71 -6.50
CA CYS A 155 -39.26 0.13 -5.39
C CYS A 155 -40.44 0.80 -4.75
N SER A 156 -41.26 1.41 -5.60
CA SER A 156 -42.47 2.07 -5.08
C SER A 156 -43.48 1.06 -4.44
N THR A 157 -43.59 -0.15 -4.95
CA THR A 157 -44.36 -1.18 -4.23
C THR A 157 -43.93 -1.37 -2.74
N THR A 158 -42.64 -1.51 -2.49
CA THR A 158 -42.19 -1.61 -1.11
C THR A 158 -42.45 -0.28 -0.34
N LEU A 159 -42.25 0.87 -0.98
CA LEU A 159 -42.39 2.15 -0.27
C LEU A 159 -43.84 2.35 0.12
N LEU A 160 -44.72 1.92 -0.78
CA LEU A 160 -46.17 2.03 -0.50
C LEU A 160 -46.65 1.28 0.72
N VAL A 161 -45.93 0.21 1.06
CA VAL A 161 -46.23 -0.59 2.26
C VAL A 161 -46.11 0.28 3.51
N PHE A 162 -45.06 1.07 3.56
CA PHE A 162 -44.76 1.92 4.70
C PHE A 162 -45.33 3.33 4.58
N LYS A 163 -45.69 3.73 3.37
CA LYS A 163 -46.26 5.05 3.22
C LYS A 163 -47.36 5.05 2.19
N PRO A 164 -48.62 4.61 2.56
CA PRO A 164 -49.67 4.45 1.62
C PRO A 164 -49.96 5.65 0.78
N ASP A 165 -49.80 6.86 1.31
CA ASP A 165 -50.15 8.06 0.52
C ASP A 165 -48.97 8.61 -0.34
N LEU A 166 -47.90 7.81 -0.45
CA LEU A 166 -46.66 8.28 -1.10
C LEU A 166 -46.94 8.96 -2.41
N LEU A 167 -47.87 8.43 -3.18
CA LEU A 167 -48.01 8.92 -4.54
C LEU A 167 -49.32 9.68 -4.77
N ASP A 168 -49.97 10.07 -3.67
CA ASP A 168 -51.26 10.82 -3.77
C ASP A 168 -51.20 12.08 -4.62
N ASN A 169 -50.08 12.80 -4.61
CA ASN A 169 -49.86 13.99 -5.47
C ASN A 169 -49.25 13.67 -6.81
N HIS A 170 -49.15 12.38 -7.14
CA HIS A 170 -48.37 12.00 -8.32
C HIS A 170 -49.06 10.97 -9.19
N PRO A 171 -50.27 11.31 -9.71
CA PRO A 171 -51.00 10.36 -10.51
C PRO A 171 -50.18 9.77 -11.68
N ARG A 172 -49.36 10.57 -12.31
CA ARG A 172 -48.53 10.10 -13.43
C ARG A 172 -47.61 8.91 -13.03
N LEU A 173 -47.08 8.95 -11.79
CA LEU A 173 -46.19 7.87 -11.31
C LEU A 173 -47.00 6.64 -10.98
N VAL A 174 -48.28 6.81 -10.56
CA VAL A 174 -49.20 5.70 -10.35
C VAL A 174 -49.56 5.11 -11.73
N THR A 175 -49.83 5.95 -12.71
CA THR A 175 -50.17 5.37 -14.03
C THR A 175 -49.00 4.51 -14.56
N LEU A 176 -47.76 5.00 -14.42
CA LEU A 176 -46.57 4.22 -14.82
C LEU A 176 -46.58 2.85 -14.16
N ARG A 177 -46.83 2.84 -12.83
CA ARG A 177 -46.83 1.55 -12.06
C ARG A 177 -47.85 0.61 -12.67
N LYS A 178 -49.05 1.10 -12.87
CA LYS A 178 -50.13 0.36 -13.56
C LYS A 178 -49.75 -0.19 -14.93
N LYS A 179 -49.06 0.61 -15.73
CA LYS A 179 -48.59 0.16 -17.06
C LYS A 179 -47.61 -1.02 -16.96
N VAL A 180 -46.69 -0.96 -15.99
CA VAL A 180 -45.80 -2.08 -15.75
C VAL A 180 -46.54 -3.34 -15.31
N GLN A 181 -47.44 -3.17 -14.33
CA GLN A 181 -48.25 -4.26 -13.83
C GLN A 181 -49.15 -4.88 -14.85
N ALA A 182 -49.49 -4.15 -15.89
CA ALA A 182 -50.36 -4.68 -16.97
C ALA A 182 -49.66 -5.45 -18.09
N ILE A 183 -48.33 -5.32 -18.19
CA ILE A 183 -47.55 -6.10 -19.20
C ILE A 183 -47.84 -7.59 -18.93
N PRO A 184 -48.32 -8.34 -19.96
CA PRO A 184 -48.87 -9.63 -19.56
C PRO A 184 -47.91 -10.55 -18.75
N ALA A 185 -46.65 -10.58 -19.14
CA ALA A 185 -45.73 -11.48 -18.45
C ALA A 185 -45.49 -11.06 -17.01
N VAL A 186 -45.44 -9.76 -16.82
CA VAL A 186 -45.19 -9.17 -15.49
C VAL A 186 -46.44 -9.38 -14.56
N ALA A 187 -47.62 -9.13 -15.12
CA ALA A 187 -48.87 -9.39 -14.40
C ALA A 187 -48.96 -10.83 -13.93
N ASN A 188 -48.60 -11.78 -14.82
CA ASN A 188 -48.59 -13.18 -14.49
C ASN A 188 -47.63 -13.46 -13.35
N TRP A 189 -46.42 -12.92 -13.43
CA TRP A 189 -45.49 -13.15 -12.28
C TRP A 189 -46.01 -12.54 -10.95
N ILE A 190 -46.49 -11.31 -11.05
CA ILE A 190 -47.10 -10.60 -9.86
C ILE A 190 -48.21 -11.40 -9.19
N LYS A 191 -49.02 -12.05 -10.03
CA LYS A 191 -50.11 -12.86 -9.53
C LYS A 191 -49.63 -14.14 -8.89
N ARG A 192 -48.53 -14.72 -9.38
CA ARG A 192 -48.17 -16.06 -8.94
C ARG A 192 -47.06 -16.13 -7.88
N ARG A 193 -46.32 -15.05 -7.71
CA ARG A 193 -45.11 -15.08 -6.87
C ARG A 193 -45.60 -15.24 -5.43
N PRO A 194 -44.70 -15.81 -4.55
CA PRO A 194 -45.02 -15.97 -3.15
C PRO A 194 -45.32 -14.59 -2.54
N GLN A 195 -46.38 -14.52 -1.76
CA GLN A 195 -46.80 -13.30 -1.08
C GLN A 195 -45.97 -12.99 0.15
N THR A 196 -45.05 -12.03 0.06
CA THR A 196 -44.23 -11.66 1.18
C THR A 196 -44.40 -10.17 1.50
N LYS A 197 -44.14 -9.81 2.75
CA LYS A 197 -44.21 -8.36 3.14
C LYS A 197 -43.24 -7.54 2.24
N LEU A 198 -41.98 -7.96 2.25
CA LEU A 198 -40.93 -7.24 1.49
C LEU A 198 -40.43 -8.01 0.26
N PRO B 1 49.48 -6.06 -0.13
CA PRO B 1 48.75 -5.51 -1.24
C PRO B 1 49.09 -4.06 -1.45
N ASN B 2 48.83 -3.58 -2.66
CA ASN B 2 48.82 -2.19 -3.01
C ASN B 2 47.38 -1.69 -2.77
N TYR B 3 47.25 -0.63 -1.96
CA TYR B 3 45.95 -0.03 -1.63
C TYR B 3 45.81 1.41 -2.09
N LYS B 4 44.67 1.72 -2.71
CA LYS B 4 44.33 3.07 -3.05
C LYS B 4 42.93 3.35 -2.58
N LEU B 5 42.85 4.26 -1.62
CA LEU B 5 41.58 4.73 -1.06
C LEU B 5 41.11 6.01 -1.82
N THR B 6 39.87 6.00 -2.35
CA THR B 6 39.34 7.17 -3.06
C THR B 6 38.15 7.75 -2.30
N TYR B 7 38.27 9.00 -1.90
CA TYR B 7 37.17 9.71 -1.29
C TYR B 7 37.33 11.20 -1.53
N PHE B 8 36.37 11.99 -1.02
CA PHE B 8 36.51 13.43 -1.05
C PHE B 8 37.58 13.88 -0.09
N ASN B 9 37.95 15.16 -0.19
CA ASN B 9 38.90 15.72 0.79
C ASN B 9 38.07 16.08 2.04
N MET B 10 37.80 15.05 2.82
CA MET B 10 37.08 15.21 4.10
C MET B 10 37.23 13.90 4.85
N ARG B 11 36.92 13.95 6.14
CA ARG B 11 36.95 12.74 6.97
C ARG B 11 35.79 11.90 6.50
N GLY B 12 34.57 12.46 6.65
CA GLY B 12 33.32 11.70 6.30
C GLY B 12 33.40 10.19 6.45
N ARG B 13 32.99 9.47 5.40
CA ARG B 13 32.78 8.03 5.49
C ARG B 13 34.08 7.31 5.21
N ALA B 14 35.13 8.03 4.80
CA ALA B 14 36.41 7.33 4.57
C ALA B 14 37.23 7.27 5.87
N GLU B 15 36.89 8.15 6.84
CA GLU B 15 37.81 8.35 8.02
C GLU B 15 38.09 7.05 8.80
N ILE B 16 37.07 6.18 8.88
CA ILE B 16 37.19 4.93 9.66
C ILE B 16 38.28 4.05 9.05
N ILE B 17 38.34 4.08 7.74
CA ILE B 17 39.35 3.31 6.99
C ILE B 17 40.73 3.90 7.23
N ARG B 18 40.83 5.20 7.18
CA ARG B 18 42.10 5.86 7.42
C ARG B 18 42.67 5.59 8.83
N TYR B 19 41.82 5.57 9.82
CA TYR B 19 42.24 5.24 11.20
C TYR B 19 42.75 3.82 11.28
N ILE B 20 42.08 2.90 10.58
CA ILE B 20 42.50 1.50 10.63
C ILE B 20 43.88 1.33 10.00
N PHE B 21 44.05 1.94 8.82
CA PHE B 21 45.39 1.97 8.16
C PHE B 21 46.48 2.56 9.08
N ALA B 22 46.17 3.69 9.76
CA ALA B 22 47.14 4.28 10.68
C ALA B 22 47.47 3.34 11.82
N TYR B 23 46.42 2.75 12.40
CA TYR B 23 46.58 1.99 13.63
C TYR B 23 47.40 0.72 13.34
N LEU B 24 47.12 0.04 12.22
CA LEU B 24 47.89 -1.11 11.79
C LEU B 24 49.22 -0.74 11.08
N ASP B 25 49.51 0.54 10.92
CA ASP B 25 50.75 0.95 10.22
C ASP B 25 50.88 0.32 8.83
N ILE B 26 49.78 0.45 8.06
CA ILE B 26 49.80 0.03 6.68
C ILE B 26 49.88 1.22 5.75
N GLN B 27 50.84 1.16 4.80
CA GLN B 27 50.90 2.19 3.82
C GLN B 27 49.75 2.09 2.84
N TYR B 28 49.27 3.25 2.40
CA TYR B 28 48.21 3.27 1.35
C TYR B 28 48.23 4.58 0.62
N GLU B 29 47.62 4.63 -0.56
CA GLU B 29 47.43 5.90 -1.26
C GLU B 29 46.08 6.56 -0.83
N ASP B 30 46.16 7.69 -0.10
CA ASP B 30 44.98 8.39 0.43
C ASP B 30 44.61 9.39 -0.67
N HIS B 31 43.76 8.94 -1.59
CA HIS B 31 43.44 9.71 -2.77
C HIS B 31 42.18 10.57 -2.54
N ARG B 32 42.37 11.90 -2.53
CA ARG B 32 41.29 12.80 -2.21
C ARG B 32 40.86 13.59 -3.43
N ILE B 33 39.62 13.43 -3.86
CA ILE B 33 39.23 14.06 -5.15
C ILE B 33 38.42 15.34 -4.84
N GLU B 34 38.46 16.28 -5.78
CA GLU B 34 37.66 17.49 -5.73
C GLU B 34 36.27 17.17 -6.13
N GLN B 35 35.30 17.93 -5.66
CA GLN B 35 33.95 17.69 -6.08
C GLN B 35 33.81 17.65 -7.62
N ALA B 36 34.58 18.48 -8.33
CA ALA B 36 34.44 18.58 -9.81
C ALA B 36 34.86 17.29 -10.55
N ASP B 37 35.73 16.52 -9.91
CA ASP B 37 36.32 15.34 -10.49
C ASP B 37 35.40 14.15 -10.26
N TRP B 38 34.30 14.40 -9.59
CA TRP B 38 33.42 13.32 -9.13
C TRP B 38 32.47 12.72 -10.22
N PRO B 39 31.69 13.55 -10.93
CA PRO B 39 30.86 12.99 -12.03
C PRO B 39 31.59 12.01 -12.93
N GLU B 40 32.81 12.32 -13.37
CA GLU B 40 33.54 11.37 -14.24
C GLU B 40 33.96 10.09 -13.52
N ILE B 41 34.33 10.20 -12.25
CA ILE B 41 34.74 9.00 -11.51
C ILE B 41 33.50 8.12 -11.22
N LYS B 42 32.45 8.79 -10.76
CA LYS B 42 31.18 8.19 -10.43
C LYS B 42 30.76 7.24 -11.51
N SER B 43 30.85 7.71 -12.76
CA SER B 43 30.39 6.85 -13.89
C SER B 43 31.14 5.53 -13.98
N THR B 44 32.35 5.44 -13.43
CA THR B 44 33.13 4.18 -13.51
C THR B 44 32.94 3.22 -12.32
N LEU B 45 32.20 3.63 -11.30
CA LEU B 45 32.06 2.91 -10.01
C LEU B 45 30.89 1.91 -10.02
N PRO B 46 30.87 0.89 -9.09
CA PRO B 46 29.89 -0.20 -9.32
C PRO B 46 28.50 0.28 -9.02
N PHE B 47 28.43 1.06 -7.96
CA PHE B 47 27.19 1.55 -7.44
C PHE B 47 27.28 3.08 -7.34
N GLY B 48 28.32 3.65 -7.95
CA GLY B 48 28.45 5.10 -8.04
C GLY B 48 28.53 5.83 -6.70
N LYS B 49 29.09 5.15 -5.68
CA LYS B 49 29.33 5.81 -4.39
C LYS B 49 30.79 5.72 -4.03
N ILE B 50 31.27 6.69 -3.26
CA ILE B 50 32.60 6.56 -2.55
C ILE B 50 32.36 6.55 -0.99
N PRO B 51 33.28 6.01 -0.20
CA PRO B 51 34.65 5.57 -0.51
C PRO B 51 34.70 4.27 -1.33
N ILE B 52 35.74 4.11 -2.12
CA ILE B 52 36.13 2.82 -2.65
C ILE B 52 37.56 2.54 -2.18
N LEU B 53 37.93 1.25 -2.14
CA LEU B 53 39.28 0.90 -1.89
C LEU B 53 39.75 -0.12 -2.91
N GLU B 54 40.74 0.25 -3.70
CA GLU B 54 41.26 -0.68 -4.71
C GLU B 54 42.33 -1.43 -4.03
N VAL B 55 42.30 -2.75 -4.21
CA VAL B 55 43.25 -3.62 -3.58
C VAL B 55 43.85 -4.54 -4.68
N ASP B 56 45.13 -4.36 -4.98
CA ASP B 56 45.74 -5.08 -6.13
C ASP B 56 44.88 -5.08 -7.40
N GLY B 57 44.38 -3.90 -7.78
CA GLY B 57 43.63 -3.84 -9.00
C GLY B 57 42.14 -4.22 -8.82
N LEU B 58 41.72 -4.75 -7.66
CA LEU B 58 40.26 -5.06 -7.47
C LEU B 58 39.55 -4.01 -6.61
N THR B 59 38.32 -3.65 -6.95
CA THR B 59 37.65 -2.54 -6.25
C THR B 59 36.71 -3.04 -5.19
N LEU B 60 36.89 -2.56 -3.95
CA LEU B 60 35.94 -2.77 -2.87
C LEU B 60 35.11 -1.48 -2.64
N HIS B 61 33.89 -1.62 -2.16
CA HIS B 61 33.12 -0.48 -1.86
C HIS B 61 32.49 -0.71 -0.51
N GLN B 62 31.76 0.33 -0.06
CA GLN B 62 31.06 0.43 1.20
C GLN B 62 32.01 0.57 2.37
N SER B 63 31.93 1.74 3.02
CA SER B 63 32.94 2.09 4.03
C SER B 63 33.10 1.05 5.14
N LEU B 64 31.98 0.58 5.67
CA LEU B 64 31.99 -0.35 6.84
C LEU B 64 32.37 -1.75 6.41
N ALA B 65 31.94 -2.14 5.22
CA ALA B 65 32.44 -3.40 4.64
C ALA B 65 33.94 -3.41 4.52
N ILE B 66 34.49 -2.34 3.96
CA ILE B 66 35.94 -2.20 3.81
C ILE B 66 36.60 -2.18 5.18
N ALA B 67 36.02 -1.44 6.13
CA ALA B 67 36.64 -1.29 7.44
C ALA B 67 36.72 -2.69 8.04
N ARG B 68 35.64 -3.46 7.89
CA ARG B 68 35.59 -4.80 8.50
C ARG B 68 36.63 -5.69 7.85
N TYR B 69 36.78 -5.60 6.53
CA TYR B 69 37.80 -6.37 5.80
C TYR B 69 39.21 -6.11 6.38
N LEU B 70 39.53 -4.83 6.59
CA LEU B 70 40.89 -4.43 7.00
C LEU B 70 41.19 -4.88 8.42
N THR B 71 40.13 -5.02 9.23
CA THR B 71 40.31 -5.45 10.61
C THR B 71 40.29 -6.97 10.82
N LYS B 72 39.95 -7.78 9.80
CA LYS B 72 39.90 -9.23 10.02
C LYS B 72 41.27 -9.73 10.41
N ASN B 73 41.31 -10.65 11.37
CA ASN B 73 42.60 -11.18 11.86
C ASN B 73 43.51 -10.15 12.52
N THR B 74 42.96 -9.04 13.05
CA THR B 74 43.79 -8.04 13.72
C THR B 74 43.20 -7.89 15.08
N ASP B 75 43.86 -7.20 15.98
CA ASP B 75 43.25 -7.06 17.32
C ASP B 75 42.12 -5.98 17.38
N LEU B 76 41.72 -5.42 16.23
CA LEU B 76 40.67 -4.38 16.26
C LEU B 76 39.30 -5.01 16.09
N ALA B 77 39.28 -6.28 15.68
CA ALA B 77 38.03 -6.96 15.24
C ALA B 77 37.04 -7.31 16.35
N GLY B 78 37.51 -7.42 17.57
CA GLY B 78 36.71 -8.11 18.57
C GLY B 78 37.39 -9.46 18.92
N ASN B 79 37.46 -9.78 20.21
CA ASN B 79 38.25 -10.91 20.72
C ASN B 79 37.59 -12.31 20.73
N THR B 80 36.27 -12.37 20.50
CA THR B 80 35.42 -13.60 20.42
C THR B 80 34.35 -13.36 19.34
N GLU B 81 33.64 -14.42 18.94
CA GLU B 81 32.67 -14.30 17.87
C GLU B 81 31.47 -13.40 18.27
N MET B 82 30.97 -13.54 19.50
CA MET B 82 29.94 -12.60 20.01
C MET B 82 30.45 -11.16 20.12
N GLU B 83 31.70 -10.99 20.50
CA GLU B 83 32.23 -9.64 20.64
C GLU B 83 32.37 -8.98 19.25
N GLN B 84 32.72 -9.75 18.24
CA GLN B 84 32.70 -9.30 16.85
C GLN B 84 31.31 -8.89 16.42
N CYS B 85 30.26 -9.62 16.89
CA CYS B 85 28.90 -9.26 16.60
C CYS B 85 28.58 -7.91 17.29
N HIS B 86 29.00 -7.75 18.56
CA HIS B 86 28.71 -6.46 19.27
C HIS B 86 29.50 -5.29 18.62
N VAL B 87 30.70 -5.55 18.12
CA VAL B 87 31.42 -4.46 17.38
C VAL B 87 30.60 -4.01 16.14
N ASP B 88 30.21 -4.96 15.32
CA ASP B 88 29.38 -4.65 14.16
C ASP B 88 28.14 -3.98 14.66
N ALA B 89 27.56 -4.44 15.80
CA ALA B 89 26.25 -3.90 16.11
C ALA B 89 26.37 -2.41 16.56
N ILE B 90 27.44 -2.09 17.31
CA ILE B 90 27.65 -0.72 17.77
C ILE B 90 27.92 0.17 16.59
N VAL B 91 28.74 -0.33 15.66
CA VAL B 91 29.10 0.40 14.44
C VAL B 91 27.80 0.73 13.64
N ASP B 92 26.90 -0.26 13.46
CA ASP B 92 25.67 0.01 12.71
C ASP B 92 24.74 0.95 13.52
N THR B 93 24.72 0.83 14.81
CA THR B 93 23.87 1.75 15.61
C THR B 93 24.30 3.23 15.39
N LEU B 94 25.62 3.43 15.35
CA LEU B 94 26.16 4.76 15.11
C LEU B 94 25.88 5.15 13.66
N ASP B 95 26.09 4.24 12.72
CA ASP B 95 25.91 4.57 11.31
C ASP B 95 24.42 4.93 11.00
N ASP B 96 23.47 4.18 11.59
CA ASP B 96 22.02 4.48 11.46
C ASP B 96 21.70 5.92 11.93
N PHE B 97 22.24 6.33 13.06
CA PHE B 97 22.04 7.71 13.50
C PHE B 97 22.72 8.76 12.55
N MET B 98 23.98 8.54 12.20
CA MET B 98 24.62 9.45 11.27
C MET B 98 23.80 9.54 9.95
N SER B 99 23.30 8.42 9.43
CA SER B 99 22.52 8.45 8.18
C SER B 99 21.17 9.20 8.26
N CYS B 100 20.68 9.46 9.46
CA CYS B 100 19.49 10.35 9.69
C CYS B 100 19.66 11.79 9.24
N PHE B 101 20.91 12.29 9.21
CA PHE B 101 21.13 13.74 8.98
C PHE B 101 21.08 14.03 7.49
N PRO B 102 20.47 15.17 7.10
CA PRO B 102 20.34 15.37 5.64
C PRO B 102 21.58 15.99 5.01
N TRP B 103 22.65 15.21 4.91
CA TRP B 103 23.94 15.80 4.53
C TRP B 103 23.86 16.52 3.19
N ALA B 104 23.03 15.99 2.28
CA ALA B 104 23.04 16.33 0.85
C ALA B 104 22.05 17.47 0.55
N GLU B 105 21.07 17.66 1.43
CA GLU B 105 20.06 18.72 1.36
C GLU B 105 20.52 20.12 0.94
N LYS B 106 19.88 20.60 -0.12
CA LYS B 106 20.32 21.84 -0.80
C LYS B 106 19.85 23.14 -0.12
N LYS B 107 18.61 23.19 0.33
CA LYS B 107 18.11 24.34 1.08
C LYS B 107 18.79 24.40 2.47
N GLN B 108 19.66 25.38 2.72
CA GLN B 108 20.38 25.52 3.98
C GLN B 108 19.52 25.65 5.27
N ASP B 109 18.41 26.39 5.23
CA ASP B 109 17.60 26.57 6.43
C ASP B 109 16.88 25.26 6.86
N VAL B 110 16.35 24.53 5.89
CA VAL B 110 15.72 23.25 6.11
C VAL B 110 16.80 22.26 6.63
N LYS B 111 17.96 22.26 6.01
CA LYS B 111 19.03 21.36 6.44
C LYS B 111 19.35 21.67 7.88
N GLU B 112 19.54 22.96 8.20
CA GLU B 112 19.91 23.39 9.53
C GLU B 112 18.89 23.12 10.62
N GLN B 113 17.62 23.45 10.34
CA GLN B 113 16.53 23.09 11.22
C GLN B 113 16.50 21.59 11.53
N MET B 114 16.55 20.73 10.52
CA MET B 114 16.62 19.29 10.78
C MET B 114 17.85 18.85 11.58
N PHE B 115 19.05 19.34 11.26
CA PHE B 115 20.25 19.00 12.11
C PHE B 115 19.96 19.36 13.57
N ASN B 116 19.37 20.53 13.79
CA ASN B 116 19.21 20.97 15.20
C ASN B 116 18.20 20.13 15.90
N GLU B 117 17.11 19.81 15.21
CA GLU B 117 16.07 18.95 15.81
C GLU B 117 16.61 17.54 16.12
N LEU B 118 17.35 16.92 15.19
CA LEU B 118 17.92 15.60 15.49
C LEU B 118 18.88 15.65 16.69
N LEU B 119 19.77 16.66 16.73
CA LEU B 119 20.76 16.74 17.82
C LEU B 119 20.13 17.09 19.19
N THR B 120 19.02 17.82 19.20
CA THR B 120 18.32 18.21 20.46
C THR B 120 17.31 17.16 20.92
N TYR B 121 16.51 16.62 19.99
CA TYR B 121 15.43 15.67 20.35
C TYR B 121 15.82 14.21 20.22
N ASN B 122 16.76 13.88 19.33
CA ASN B 122 17.08 12.45 19.10
C ASN B 122 18.41 12.04 19.68
N ALA B 123 19.44 12.87 19.50
CA ALA B 123 20.79 12.42 19.95
C ALA B 123 20.86 12.09 21.45
N PRO B 124 20.18 12.87 22.32
CA PRO B 124 20.36 12.56 23.74
C PRO B 124 19.95 11.14 24.12
N HIS B 125 19.00 10.56 23.39
CA HIS B 125 18.58 9.20 23.73
C HIS B 125 19.71 8.23 23.37
N LEU B 126 20.35 8.45 22.25
CA LEU B 126 21.40 7.54 21.82
C LEU B 126 22.60 7.73 22.75
N MET B 127 22.89 8.97 23.14
CA MET B 127 24.09 9.22 23.98
C MET B 127 23.87 8.51 25.29
N GLN B 128 22.65 8.62 25.82
CA GLN B 128 22.32 7.93 27.09
C GLN B 128 22.40 6.41 26.87
N ASP B 129 21.85 5.90 25.76
CA ASP B 129 21.99 4.43 25.54
C ASP B 129 23.45 3.99 25.47
N LEU B 130 24.32 4.79 24.88
CA LEU B 130 25.69 4.38 24.68
C LEU B 130 26.44 4.44 25.97
N ASP B 131 26.13 5.46 26.77
CA ASP B 131 26.70 5.64 28.10
C ASP B 131 26.35 4.43 29.03
N THR B 132 25.07 4.06 29.06
CA THR B 132 24.64 2.91 29.87
C THR B 132 25.38 1.69 29.35
N TYR B 133 25.45 1.54 28.02
CA TYR B 133 26.12 0.37 27.43
C TYR B 133 27.56 0.29 27.82
N LEU B 134 28.23 1.40 27.83
CA LEU B 134 29.62 1.39 28.20
C LEU B 134 29.80 1.12 29.70
N GLY B 135 28.92 1.73 30.49
CA GLY B 135 29.08 1.74 31.96
C GLY B 135 30.47 2.19 32.36
N GLY B 136 31.07 1.48 33.32
CA GLY B 136 32.40 1.85 33.81
C GLY B 136 33.52 1.12 33.10
N ARG B 137 33.20 0.42 32.03
CA ARG B 137 34.24 -0.33 31.25
C ARG B 137 35.17 0.63 30.47
N GLU B 138 36.36 0.16 30.12
CA GLU B 138 37.31 1.02 29.46
C GLU B 138 37.01 1.31 27.96
N TRP B 139 36.40 0.33 27.28
CA TRP B 139 36.22 0.37 25.80
C TRP B 139 34.84 -0.13 25.56
N LEU B 140 34.24 0.15 24.40
CA LEU B 140 32.87 -0.29 24.18
C LEU B 140 32.66 -1.78 24.24
N ILE B 141 33.57 -2.49 23.64
CA ILE B 141 33.42 -3.92 23.61
C ILE B 141 34.68 -4.54 24.15
N GLY B 142 34.51 -5.51 25.04
CA GLY B 142 35.62 -6.31 25.52
C GLY B 142 36.56 -5.51 26.40
N MET B 143 37.80 -5.97 26.51
CA MET B 143 38.76 -5.33 27.37
C MET B 143 39.84 -4.60 26.58
N SER B 144 39.71 -4.47 25.26
CA SER B 144 40.69 -3.72 24.50
C SER B 144 39.98 -2.98 23.34
N VAL B 145 40.71 -2.06 22.72
CA VAL B 145 40.14 -1.14 21.70
C VAL B 145 39.74 -1.94 20.48
N THR B 146 38.58 -1.61 19.93
CA THR B 146 38.14 -2.18 18.67
C THR B 146 37.84 -1.06 17.68
N TRP B 147 37.59 -1.43 16.44
CA TRP B 147 37.20 -0.37 15.51
C TRP B 147 35.88 0.32 15.86
N ALA B 148 35.06 -0.26 16.75
CA ALA B 148 33.84 0.43 17.23
C ALA B 148 34.15 1.64 18.02
N ASP B 149 35.17 1.56 18.90
CA ASP B 149 35.68 2.74 19.61
C ASP B 149 36.21 3.81 18.66
N PHE B 150 36.85 3.40 17.55
CA PHE B 150 37.36 4.38 16.57
C PHE B 150 36.12 5.07 15.91
N TYR B 151 35.08 4.27 15.61
CA TYR B 151 33.93 4.84 14.96
C TYR B 151 33.19 5.77 15.88
N TRP B 152 33.15 5.45 17.19
CA TRP B 152 32.46 6.34 18.17
C TRP B 152 33.23 7.70 18.16
N GLU B 153 34.54 7.64 18.17
CA GLU B 153 35.35 8.85 18.21
C GLU B 153 35.14 9.67 16.92
N ILE B 154 35.09 8.98 15.78
CA ILE B 154 34.94 9.67 14.50
C ILE B 154 33.54 10.31 14.38
N CYS B 155 32.50 9.55 14.72
CA CYS B 155 31.11 10.04 14.61
C CYS B 155 30.92 11.18 15.60
N SER B 156 31.40 11.01 16.83
CA SER B 156 31.15 12.05 17.80
C SER B 156 31.93 13.32 17.44
N THR B 157 33.14 13.19 16.89
CA THR B 157 33.85 14.40 16.41
C THR B 157 33.02 15.28 15.46
N THR B 158 32.33 14.64 14.53
CA THR B 158 31.51 15.41 13.60
C THR B 158 30.24 15.98 14.25
N LEU B 159 29.56 15.20 15.13
CA LEU B 159 28.37 15.65 15.84
C LEU B 159 28.68 16.82 16.72
N LEU B 160 29.84 16.76 17.36
CA LEU B 160 30.36 17.88 18.11
C LEU B 160 30.51 19.24 17.41
N VAL B 161 30.77 19.22 16.13
CA VAL B 161 30.79 20.43 15.29
C VAL B 161 29.42 21.10 15.36
N PHE B 162 28.35 20.32 15.31
CA PHE B 162 27.03 20.94 15.21
C PHE B 162 26.34 21.07 16.54
N LYS B 163 26.80 20.32 17.55
CA LYS B 163 26.21 20.36 18.88
C LYS B 163 27.37 20.23 19.92
N PRO B 164 28.04 21.35 20.25
CA PRO B 164 29.20 21.31 21.14
C PRO B 164 28.90 20.75 22.53
N ASP B 165 27.66 20.95 23.04
CA ASP B 165 27.37 20.48 24.39
C ASP B 165 26.86 19.02 24.36
N LEU B 166 26.91 18.38 23.20
CA LEU B 166 26.43 17.00 23.04
C LEU B 166 26.75 16.04 24.16
N LEU B 167 28.00 16.05 24.62
CA LEU B 167 28.38 15.12 25.66
C LEU B 167 28.54 15.71 27.08
N ASP B 168 28.04 16.92 27.34
CA ASP B 168 28.19 17.49 28.70
C ASP B 168 27.58 16.63 29.81
N ASN B 169 26.54 15.84 29.54
CA ASN B 169 26.03 14.94 30.52
C ASN B 169 26.69 13.57 30.47
N HIS B 170 27.73 13.40 29.67
CA HIS B 170 28.20 12.07 29.48
C HIS B 170 29.72 12.01 29.53
N PRO B 171 30.29 12.38 30.69
CA PRO B 171 31.74 12.41 30.80
C PRO B 171 32.45 11.10 30.43
N ARG B 172 31.84 9.94 30.68
CA ARG B 172 32.50 8.67 30.37
C ARG B 172 32.69 8.50 28.85
N LEU B 173 31.74 9.05 28.05
CA LEU B 173 31.85 9.06 26.59
C LEU B 173 33.00 9.98 26.14
N VAL B 174 33.27 11.03 26.93
CA VAL B 174 34.34 11.99 26.63
C VAL B 174 35.66 11.27 26.93
N THR B 175 35.69 10.57 28.07
CA THR B 175 36.93 9.89 28.43
C THR B 175 37.17 8.80 27.35
N LEU B 176 36.15 8.09 26.88
CA LEU B 176 36.44 7.14 25.79
C LEU B 176 37.01 7.87 24.59
N ARG B 177 36.44 9.03 24.20
CA ARG B 177 37.04 9.78 23.03
C ARG B 177 38.54 10.04 23.21
N LYS B 178 38.90 10.56 24.38
CA LYS B 178 40.30 10.87 24.70
C LYS B 178 41.21 9.65 24.72
N LYS B 179 40.69 8.49 25.12
CA LYS B 179 41.50 7.27 25.15
C LYS B 179 41.83 6.91 23.70
N VAL B 180 40.83 7.02 22.81
CA VAL B 180 41.08 6.71 21.39
C VAL B 180 42.09 7.68 20.81
N GLN B 181 41.90 8.95 21.11
CA GLN B 181 42.72 10.01 20.57
C GLN B 181 44.15 9.96 21.13
N ALA B 182 44.39 9.24 22.22
CA ALA B 182 45.73 9.19 22.80
C ALA B 182 46.51 7.91 22.38
N ILE B 183 45.89 6.98 21.67
CA ILE B 183 46.63 5.85 21.10
C ILE B 183 47.67 6.44 20.15
N PRO B 184 48.99 6.16 20.35
CA PRO B 184 49.97 6.87 19.50
C PRO B 184 49.77 6.92 17.94
N ALA B 185 49.48 5.82 17.28
CA ALA B 185 49.28 5.84 15.80
C ALA B 185 48.05 6.70 15.39
N VAL B 186 47.06 6.71 16.28
CA VAL B 186 45.83 7.43 16.02
C VAL B 186 46.12 8.92 16.34
N ALA B 187 46.81 9.20 17.44
CA ALA B 187 47.20 10.60 17.76
C ALA B 187 47.99 11.22 16.59
N ASN B 188 48.89 10.42 15.98
CA ASN B 188 49.75 10.93 14.94
C ASN B 188 48.97 11.26 13.65
N TRP B 189 48.00 10.41 13.29
CA TRP B 189 47.10 10.63 12.16
C TRP B 189 46.19 11.87 12.40
N ILE B 190 45.59 11.94 13.56
CA ILE B 190 44.78 13.12 13.93
C ILE B 190 45.49 14.48 13.78
N LYS B 191 46.74 14.49 14.19
CA LYS B 191 47.62 15.65 14.06
C LYS B 191 47.98 15.94 12.62
N ARG B 192 48.25 14.91 11.83
CA ARG B 192 48.75 15.17 10.50
C ARG B 192 47.71 15.30 9.42
N ARG B 193 46.48 14.80 9.63
CA ARG B 193 45.54 14.69 8.50
C ARG B 193 45.15 16.09 8.09
N PRO B 194 44.69 16.27 6.84
CA PRO B 194 44.22 17.54 6.33
C PRO B 194 43.05 17.95 7.25
N GLN B 195 43.00 19.24 7.59
CA GLN B 195 41.93 19.78 8.47
C GLN B 195 40.76 20.19 7.63
N THR B 196 39.63 19.49 7.80
CA THR B 196 38.45 19.74 7.06
C THR B 196 37.33 19.85 8.04
N LYS B 197 36.28 20.53 7.64
CA LYS B 197 35.14 20.66 8.52
C LYS B 197 34.53 19.30 8.85
N LEU B 198 34.24 18.51 7.82
CA LEU B 198 33.60 17.29 8.01
C LEU B 198 34.57 16.17 7.57
N PRO C 1 22.46 -23.76 20.78
CA PRO C 1 22.02 -23.10 21.98
C PRO C 1 20.56 -22.68 21.86
N ASN C 2 20.02 -21.97 22.84
CA ASN C 2 18.63 -21.54 22.79
C ASN C 2 18.48 -20.18 22.06
N TYR C 3 17.69 -20.14 20.97
CA TYR C 3 17.60 -18.97 20.10
C TYR C 3 16.20 -18.37 20.13
N LYS C 4 16.14 -17.11 20.56
CA LYS C 4 14.86 -16.37 20.55
C LYS C 4 15.03 -15.08 19.73
N LEU C 5 14.23 -14.96 18.66
CA LEU C 5 14.19 -13.83 17.77
C LEU C 5 12.98 -13.00 18.10
N THR C 6 13.18 -11.71 18.39
CA THR C 6 12.04 -10.84 18.66
C THR C 6 11.96 -9.76 17.60
N TYR C 7 10.77 -9.59 17.00
CA TYR C 7 10.50 -8.56 16.01
C TYR C 7 8.99 -8.36 15.88
N PHE C 8 8.55 -7.35 15.12
CA PHE C 8 7.16 -7.16 14.74
C PHE C 8 6.68 -8.32 13.83
N ASN C 9 5.37 -8.37 13.59
CA ASN C 9 4.84 -9.37 12.65
C ASN C 9 4.94 -8.79 11.24
N MET C 10 6.20 -8.77 10.73
CA MET C 10 6.53 -8.30 9.40
C MET C 10 7.72 -9.12 8.93
N ARG C 11 8.02 -9.10 7.66
CA ARG C 11 9.32 -9.70 7.27
C ARG C 11 10.41 -8.68 7.75
N GLY C 12 10.34 -7.43 7.25
CA GLY C 12 11.17 -6.28 7.62
C GLY C 12 12.63 -6.73 7.84
N ARG C 13 13.22 -6.22 8.91
CA ARG C 13 14.64 -6.38 9.17
C ARG C 13 14.92 -7.73 9.81
N ALA C 14 13.90 -8.50 10.23
CA ALA C 14 14.14 -9.81 10.80
C ALA C 14 14.35 -10.94 9.79
N GLU C 15 13.74 -10.81 8.61
CA GLU C 15 13.66 -11.90 7.63
C GLU C 15 15.01 -12.50 7.23
N ILE C 16 16.03 -11.65 7.08
CA ILE C 16 17.36 -12.17 6.76
C ILE C 16 17.80 -13.20 7.80
N ILE C 17 17.50 -12.89 9.07
CA ILE C 17 17.82 -13.84 10.12
C ILE C 17 16.88 -15.04 9.97
N ARG C 18 15.60 -14.85 9.68
CA ARG C 18 14.73 -16.04 9.45
C ARG C 18 15.23 -16.98 8.30
N TYR C 19 15.69 -16.40 7.18
CA TYR C 19 16.21 -17.24 6.10
C TYR C 19 17.46 -18.04 6.48
N ILE C 20 18.31 -17.43 7.32
CA ILE C 20 19.53 -18.01 7.72
C ILE C 20 19.29 -19.20 8.64
N PHE C 21 18.40 -19.02 9.59
CA PHE C 21 18.03 -20.12 10.44
C PHE C 21 17.36 -21.22 9.58
N ALA C 22 16.46 -20.85 8.67
CA ALA C 22 15.83 -21.88 7.81
C ALA C 22 16.86 -22.69 7.04
N TYR C 23 17.92 -22.04 6.52
CA TYR C 23 18.90 -22.66 5.64
C TYR C 23 19.85 -23.52 6.44
N LEU C 24 20.20 -23.05 7.61
CA LEU C 24 21.10 -23.80 8.45
C LEU C 24 20.28 -24.82 9.27
N ASP C 25 18.96 -24.93 9.07
CA ASP C 25 18.18 -25.88 9.87
C ASP C 25 18.42 -25.66 11.37
N ILE C 26 18.34 -24.40 11.82
CA ILE C 26 18.53 -24.12 13.23
C ILE C 26 17.16 -23.84 13.81
N GLN C 27 16.80 -24.50 14.91
CA GLN C 27 15.51 -24.17 15.56
C GLN C 27 15.57 -22.90 16.36
N TYR C 28 14.46 -22.14 16.37
CA TYR C 28 14.45 -20.87 17.10
C TYR C 28 13.05 -20.48 17.34
N GLU C 29 12.84 -19.64 18.34
CA GLU C 29 11.53 -19.14 18.62
C GLU C 29 11.33 -17.84 17.81
N ASP C 30 10.35 -17.83 16.93
CA ASP C 30 9.98 -16.65 16.13
C ASP C 30 8.97 -15.76 16.84
N HIS C 31 9.45 -14.98 17.79
CA HIS C 31 8.55 -14.14 18.60
C HIS C 31 8.18 -12.83 17.92
N ARG C 32 6.89 -12.70 17.60
CA ARG C 32 6.37 -11.58 16.91
C ARG C 32 5.49 -10.80 17.85
N ILE C 33 5.86 -9.55 18.15
CA ILE C 33 5.15 -8.78 19.17
C ILE C 33 4.05 -7.93 18.57
N GLU C 34 3.11 -7.57 19.42
CA GLU C 34 2.05 -6.67 19.00
C GLU C 34 2.51 -5.27 19.20
N GLN C 35 2.11 -4.38 18.28
CA GLN C 35 2.34 -2.95 18.43
C GLN C 35 1.99 -2.42 19.84
N ALA C 36 0.81 -2.75 20.35
CA ALA C 36 0.40 -2.32 21.70
C ALA C 36 1.46 -2.68 22.77
N ASP C 37 2.14 -3.81 22.60
CA ASP C 37 3.16 -4.27 23.54
C ASP C 37 4.54 -3.60 23.37
N TRP C 38 4.69 -2.74 22.37
CA TRP C 38 6.03 -2.28 22.01
C TRP C 38 6.74 -1.39 23.07
N PRO C 39 6.02 -0.37 23.64
CA PRO C 39 6.75 0.54 24.54
C PRO C 39 7.26 -0.17 25.80
N GLU C 40 6.54 -1.17 26.27
CA GLU C 40 7.05 -1.97 27.37
C GLU C 40 8.43 -2.56 27.04
N ILE C 41 8.49 -3.27 25.92
CA ILE C 41 9.66 -4.05 25.54
C ILE C 41 10.80 -3.12 25.20
N LYS C 42 10.45 -2.05 24.48
CA LYS C 42 11.39 -1.06 23.94
C LYS C 42 12.25 -0.49 25.07
N SER C 43 11.58 0.05 26.09
CA SER C 43 12.16 0.40 27.39
C SER C 43 13.20 -0.55 27.94
N THR C 44 13.16 -1.81 27.55
CA THR C 44 14.08 -2.74 28.21
C THR C 44 15.28 -3.13 27.34
N LEU C 45 15.25 -2.75 26.07
CA LEU C 45 16.34 -3.10 25.14
C LEU C 45 17.49 -2.09 25.20
N PRO C 46 18.75 -2.55 25.29
CA PRO C 46 19.93 -1.66 25.26
C PRO C 46 19.85 -0.43 24.29
N PHE C 47 19.30 -0.61 23.09
CA PHE C 47 19.23 0.47 22.12
C PHE C 47 17.82 0.76 21.61
N GLY C 48 16.81 0.20 22.28
CA GLY C 48 15.40 0.52 21.96
C GLY C 48 14.92 0.12 20.55
N LYS C 49 15.66 -0.80 19.93
CA LYS C 49 15.36 -1.23 18.55
C LYS C 49 15.20 -2.74 18.39
N ILE C 50 14.34 -3.14 17.46
CA ILE C 50 14.26 -4.56 17.09
C ILE C 50 14.62 -4.73 15.65
N PRO C 51 15.07 -5.93 15.23
CA PRO C 51 15.10 -7.22 15.90
C PRO C 51 16.21 -7.32 16.94
N ILE C 52 15.99 -8.14 17.95
CA ILE C 52 17.05 -8.62 18.78
C ILE C 52 17.01 -10.12 18.68
N LEU C 53 18.13 -10.71 19.03
CA LEU C 53 18.28 -12.14 19.02
C LEU C 53 18.89 -12.48 20.37
N GLU C 54 18.14 -13.23 21.19
CA GLU C 54 18.68 -13.72 22.44
C GLU C 54 19.29 -15.11 22.20
N VAL C 55 20.48 -15.30 22.73
CA VAL C 55 21.23 -16.53 22.56
C VAL C 55 21.59 -17.05 23.93
N ASP C 56 20.88 -18.09 24.37
CA ASP C 56 20.99 -18.52 25.80
C ASP C 56 20.84 -17.32 26.69
N GLY C 57 19.77 -16.53 26.51
CA GLY C 57 19.58 -15.36 27.38
C GLY C 57 20.33 -14.07 27.03
N LEU C 58 21.48 -14.21 26.34
CA LEU C 58 22.31 -13.06 25.91
C LEU C 58 21.78 -12.32 24.69
N THR C 59 21.68 -10.99 24.79
CA THR C 59 21.03 -10.24 23.74
C THR C 59 22.05 -9.76 22.71
N LEU C 60 21.80 -10.10 21.47
CA LEU C 60 22.50 -9.53 20.32
C LEU C 60 21.52 -8.58 19.66
N HIS C 61 22.03 -7.55 19.00
CA HIS C 61 21.13 -6.60 18.33
C HIS C 61 21.69 -6.23 16.94
N GLN C 62 20.90 -5.50 16.14
CA GLN C 62 21.27 -5.04 14.80
C GLN C 62 21.20 -6.22 13.83
N SER C 63 20.22 -6.16 12.94
CA SER C 63 19.92 -7.29 12.05
C SER C 63 21.09 -7.81 11.19
N LEU C 64 21.88 -6.92 10.60
CA LEU C 64 22.95 -7.40 9.74
C LEU C 64 24.18 -7.86 10.54
N ALA C 65 24.41 -7.29 11.74
CA ALA C 65 25.46 -7.80 12.64
C ALA C 65 25.11 -9.26 13.06
N ILE C 66 23.88 -9.51 13.40
CA ILE C 66 23.39 -10.85 13.71
C ILE C 66 23.52 -11.83 12.54
N ALA C 67 23.08 -11.39 11.36
CA ALA C 67 23.16 -12.24 10.13
C ALA C 67 24.59 -12.62 9.81
N ARG C 68 25.49 -11.64 9.90
CA ARG C 68 26.88 -11.91 9.76
C ARG C 68 27.36 -12.90 10.82
N TYR C 69 27.03 -12.64 12.08
CA TYR C 69 27.49 -13.55 13.15
C TYR C 69 26.99 -15.05 12.89
N LEU C 70 25.76 -15.18 12.46
CA LEU C 70 25.21 -16.52 12.19
C LEU C 70 25.79 -17.20 11.00
N THR C 71 26.44 -16.48 10.10
CA THR C 71 26.80 -17.10 8.82
C THR C 71 28.28 -17.25 8.80
N LYS C 72 28.93 -16.67 9.80
CA LYS C 72 30.39 -16.76 9.90
C LYS C 72 30.72 -18.24 9.91
N ASN C 73 31.71 -18.67 9.15
CA ASN C 73 32.04 -20.10 9.15
C ASN C 73 31.02 -21.06 8.53
N THR C 74 30.09 -20.54 7.76
CA THR C 74 29.12 -21.43 7.09
C THR C 74 29.33 -21.27 5.57
N ASP C 75 28.63 -22.03 4.76
CA ASP C 75 28.87 -21.78 3.34
C ASP C 75 28.04 -20.63 2.73
N LEU C 76 27.33 -19.89 3.63
CA LEU C 76 26.66 -18.64 3.28
C LEU C 76 27.63 -17.47 3.32
N ALA C 77 28.81 -17.67 3.83
CA ALA C 77 29.82 -16.64 3.89
C ALA C 77 30.57 -16.69 2.54
N GLY C 78 31.17 -15.60 2.14
CA GLY C 78 32.10 -15.68 0.98
C GLY C 78 33.32 -16.60 1.19
N ASN C 79 33.94 -17.00 0.11
CA ASN C 79 35.03 -17.99 0.19
C ASN C 79 36.43 -17.46 0.48
N THR C 80 36.59 -16.15 0.38
CA THR C 80 37.80 -15.52 0.83
C THR C 80 37.42 -14.27 1.61
N GLU C 81 38.40 -13.66 2.27
CA GLU C 81 38.13 -12.38 2.93
C GLU C 81 37.65 -11.31 1.94
N MET C 82 38.22 -11.29 0.72
CA MET C 82 37.82 -10.25 -0.25
C MET C 82 36.34 -10.47 -0.62
N GLU C 83 35.95 -11.73 -0.84
CA GLU C 83 34.59 -12.07 -1.23
C GLU C 83 33.62 -11.78 -0.07
N GLN C 84 34.08 -12.01 1.14
CA GLN C 84 33.27 -11.63 2.29
C GLN C 84 33.08 -10.13 2.34
N CYS C 85 34.07 -9.35 1.89
CA CYS C 85 33.88 -7.91 1.80
C CYS C 85 32.80 -7.57 0.78
N HIS C 86 32.87 -8.22 -0.41
CA HIS C 86 31.80 -7.99 -1.44
C HIS C 86 30.42 -8.44 -0.93
N VAL C 87 30.35 -9.57 -0.23
CA VAL C 87 29.05 -9.90 0.41
C VAL C 87 28.54 -8.74 1.36
N ASP C 88 29.40 -8.25 2.25
CA ASP C 88 29.03 -7.19 3.16
C ASP C 88 28.64 -5.95 2.36
N ALA C 89 29.34 -5.71 1.24
CA ALA C 89 29.15 -4.47 0.49
C ALA C 89 27.80 -4.48 -0.27
N ILE C 90 27.44 -5.63 -0.83
CA ILE C 90 26.15 -5.73 -1.54
C ILE C 90 25.05 -5.59 -0.51
N VAL C 91 25.16 -6.29 0.60
CA VAL C 91 24.17 -6.14 1.65
C VAL C 91 23.95 -4.64 2.09
N ASP C 92 25.04 -3.92 2.39
CA ASP C 92 24.94 -2.52 2.81
C ASP C 92 24.36 -1.65 1.69
N THR C 93 24.69 -1.96 0.43
CA THR C 93 24.17 -1.17 -0.71
C THR C 93 22.67 -1.35 -0.73
N LEU C 94 22.21 -2.59 -0.56
CA LEU C 94 20.75 -2.86 -0.49
C LEU C 94 20.13 -2.12 0.75
N ASP C 95 20.80 -2.23 1.91
CA ASP C 95 20.28 -1.71 3.15
C ASP C 95 20.19 -0.19 3.07
N ASP C 96 21.21 0.43 2.49
CA ASP C 96 21.19 1.87 2.26
C ASP C 96 19.94 2.28 1.50
N PHE C 97 19.67 1.60 0.36
CA PHE C 97 18.46 1.89 -0.39
C PHE C 97 17.15 1.65 0.40
N MET C 98 17.00 0.51 1.03
CA MET C 98 15.76 0.23 1.79
C MET C 98 15.57 1.33 2.91
N SER C 99 16.68 1.87 3.44
CA SER C 99 16.62 2.75 4.60
C SER C 99 16.24 4.16 4.17
N CYS C 100 16.31 4.48 2.89
CA CYS C 100 15.85 5.77 2.38
C CYS C 100 14.32 5.92 2.48
N PHE C 101 13.61 4.80 2.40
CA PHE C 101 12.15 4.88 2.44
C PHE C 101 11.61 5.32 3.82
N PRO C 102 10.68 6.29 3.83
CA PRO C 102 10.12 6.75 5.12
C PRO C 102 9.07 5.75 5.62
N TRP C 103 9.52 4.57 6.05
CA TRP C 103 8.63 3.52 6.54
C TRP C 103 7.76 3.93 7.71
N ALA C 104 8.37 4.60 8.69
CA ALA C 104 7.76 4.89 9.98
C ALA C 104 7.33 6.35 10.03
N GLU C 105 7.22 6.97 8.86
CA GLU C 105 6.86 8.38 8.81
C GLU C 105 5.36 8.50 8.64
N LYS C 106 4.79 9.33 9.49
CA LYS C 106 3.34 9.32 9.72
C LYS C 106 2.58 10.44 9.01
N LYS C 107 3.30 11.46 8.51
CA LYS C 107 2.65 12.40 7.58
C LYS C 107 2.60 11.68 6.22
N GLN C 108 1.39 11.36 5.72
CA GLN C 108 1.26 10.49 4.52
C GLN C 108 1.56 11.17 3.15
N ASP C 109 1.40 12.49 3.07
CA ASP C 109 1.84 13.31 1.92
C ASP C 109 3.33 13.25 1.68
N VAL C 110 4.10 13.53 2.73
CA VAL C 110 5.54 13.40 2.70
C VAL C 110 5.94 11.93 2.43
N LYS C 111 5.17 10.97 2.97
CA LYS C 111 5.44 9.53 2.75
C LYS C 111 5.20 9.03 1.32
N GLU C 112 3.95 9.13 0.88
CA GLU C 112 3.50 8.57 -0.41
C GLU C 112 4.11 9.34 -1.61
N GLN C 113 4.57 10.57 -1.37
CA GLN C 113 5.39 11.27 -2.38
C GLN C 113 6.82 10.74 -2.42
N MET C 114 7.51 10.70 -1.26
CA MET C 114 8.87 10.15 -1.15
C MET C 114 8.97 8.74 -1.74
N PHE C 115 8.02 7.86 -1.38
CA PHE C 115 7.98 6.49 -1.94
C PHE C 115 7.98 6.54 -3.46
N ASN C 116 7.13 7.39 -4.03
CA ASN C 116 7.11 7.57 -5.47
C ASN C 116 8.39 8.13 -6.12
N GLU C 117 9.02 9.14 -5.53
CA GLU C 117 10.36 9.57 -5.98
C GLU C 117 11.33 8.38 -6.07
N LEU C 118 11.48 7.68 -4.96
CA LEU C 118 12.47 6.60 -4.82
C LEU C 118 12.28 5.48 -5.89
N LEU C 119 11.05 5.01 -5.97
CA LEU C 119 10.62 3.99 -6.87
C LEU C 119 10.74 4.41 -8.34
N THR C 120 10.29 5.61 -8.69
CA THR C 120 10.44 6.14 -10.06
C THR C 120 11.86 6.52 -10.39
N TYR C 121 12.54 7.18 -9.46
CA TYR C 121 13.78 7.77 -9.88
C TYR C 121 14.97 6.91 -9.50
N ASN C 122 15.08 6.48 -8.24
CA ASN C 122 16.27 5.78 -7.76
C ASN C 122 16.26 4.25 -7.95
N ALA C 123 15.16 3.59 -7.62
CA ALA C 123 15.08 2.16 -7.85
C ALA C 123 15.66 1.72 -9.19
N PRO C 124 15.23 2.32 -10.33
CA PRO C 124 15.74 1.79 -11.60
C PRO C 124 17.26 1.86 -11.73
N HIS C 125 17.88 2.94 -11.27
CA HIS C 125 19.33 3.04 -11.34
C HIS C 125 20.01 1.99 -10.50
N LEU C 126 19.49 1.71 -9.30
CA LEU C 126 20.02 0.60 -8.53
C LEU C 126 19.85 -0.75 -9.24
N MET C 127 18.65 -0.97 -9.80
CA MET C 127 18.39 -2.27 -10.46
C MET C 127 19.42 -2.45 -11.56
N GLN C 128 19.64 -1.39 -12.33
CA GLN C 128 20.61 -1.48 -13.44
C GLN C 128 22.00 -1.78 -12.90
N ASP C 129 22.39 -1.09 -11.82
CA ASP C 129 23.69 -1.35 -11.17
C ASP C 129 23.84 -2.78 -10.70
N LEU C 130 22.79 -3.33 -10.11
CA LEU C 130 22.83 -4.68 -9.62
C LEU C 130 22.95 -5.67 -10.75
N ASP C 131 22.15 -5.44 -11.80
CA ASP C 131 22.11 -6.30 -12.97
C ASP C 131 23.51 -6.29 -13.63
N THR C 132 24.08 -5.11 -13.84
CA THR C 132 25.43 -5.01 -14.45
C THR C 132 26.44 -5.73 -13.57
N TYR C 133 26.29 -5.57 -12.25
CA TYR C 133 27.18 -6.19 -11.30
C TYR C 133 27.13 -7.74 -11.31
N LEU C 134 25.92 -8.29 -11.35
CA LEU C 134 25.73 -9.73 -11.41
C LEU C 134 26.24 -10.29 -12.75
N GLY C 135 25.96 -9.55 -13.86
CA GLY C 135 26.48 -9.90 -15.16
C GLY C 135 25.84 -11.23 -15.54
N GLY C 136 26.62 -12.11 -16.16
CA GLY C 136 26.10 -13.42 -16.54
C GLY C 136 26.22 -14.43 -15.40
N ARG C 137 26.74 -14.03 -14.22
CA ARG C 137 27.04 -15.04 -13.15
C ARG C 137 25.83 -15.60 -12.45
N GLU C 138 26.00 -16.74 -11.77
CA GLU C 138 24.92 -17.48 -11.08
C GLU C 138 24.41 -16.76 -9.87
N TRP C 139 25.37 -16.32 -9.05
CA TRP C 139 25.06 -15.68 -7.75
C TRP C 139 25.82 -14.35 -7.68
N LEU C 140 25.44 -13.50 -6.76
CA LEU C 140 26.02 -12.16 -6.70
C LEU C 140 27.54 -12.20 -6.35
N ILE C 141 27.96 -13.10 -5.43
CA ILE C 141 29.40 -13.21 -5.06
C ILE C 141 29.90 -14.67 -5.27
N GLY C 142 31.03 -14.87 -5.93
CA GLY C 142 31.62 -16.23 -5.97
C GLY C 142 30.84 -17.17 -6.87
N MET C 143 31.03 -18.47 -6.65
CA MET C 143 30.35 -19.48 -7.45
C MET C 143 29.30 -20.28 -6.64
N SER C 144 28.91 -19.77 -5.47
CA SER C 144 27.83 -20.38 -4.74
C SER C 144 27.06 -19.34 -3.90
N VAL C 145 25.89 -19.77 -3.41
CA VAL C 145 24.94 -18.81 -2.76
C VAL C 145 25.58 -18.26 -1.47
N THR C 146 25.30 -17.00 -1.13
CA THR C 146 25.73 -16.38 0.11
C THR C 146 24.50 -15.63 0.66
N TRP C 147 24.62 -15.13 1.86
CA TRP C 147 23.51 -14.39 2.42
C TRP C 147 23.26 -13.04 1.75
N ALA C 148 24.19 -12.57 0.94
CA ALA C 148 23.84 -11.44 0.02
C ALA C 148 22.71 -11.78 -0.97
N ASP C 149 22.72 -12.98 -1.52
CA ASP C 149 21.67 -13.37 -2.48
C ASP C 149 20.33 -13.44 -1.77
N PHE C 150 20.36 -13.91 -0.54
CA PHE C 150 19.17 -13.94 0.36
C PHE C 150 18.69 -12.54 0.56
N TYR C 151 19.61 -11.61 0.91
CA TYR C 151 19.17 -10.27 1.15
C TYR C 151 18.62 -9.59 -0.08
N TRP C 152 19.25 -9.86 -1.23
CA TRP C 152 18.68 -9.44 -2.49
C TRP C 152 17.22 -9.95 -2.65
N GLU C 153 16.99 -11.25 -2.44
CA GLU C 153 15.63 -11.84 -2.67
C GLU C 153 14.65 -11.16 -1.70
N ILE C 154 15.10 -10.96 -0.45
CA ILE C 154 14.30 -10.35 0.62
C ILE C 154 13.92 -8.89 0.37
N CYS C 155 14.92 -8.04 0.03
CA CYS C 155 14.67 -6.65 -0.30
C CYS C 155 13.77 -6.53 -1.52
N SER C 156 14.00 -7.37 -2.52
CA SER C 156 13.26 -7.18 -3.76
C SER C 156 11.79 -7.64 -3.62
N THR C 157 11.56 -8.60 -2.73
CA THR C 157 10.18 -8.99 -2.38
C THR C 157 9.38 -7.76 -1.97
N THR C 158 9.86 -7.04 -0.97
CA THR C 158 9.22 -5.79 -0.56
C THR C 158 9.16 -4.73 -1.64
N LEU C 159 10.25 -4.48 -2.38
CA LEU C 159 10.12 -3.50 -3.41
C LEU C 159 9.04 -3.89 -4.48
N LEU C 160 8.99 -5.19 -4.88
CA LEU C 160 7.98 -5.63 -5.93
C LEU C 160 6.51 -5.44 -5.47
N VAL C 161 6.28 -5.47 -4.15
CA VAL C 161 4.96 -5.17 -3.57
C VAL C 161 4.56 -3.76 -3.96
N PHE C 162 5.49 -2.81 -3.87
CA PHE C 162 5.20 -1.43 -4.22
C PHE C 162 5.48 -1.02 -5.66
N LYS C 163 6.37 -1.75 -6.36
CA LYS C 163 6.65 -1.43 -7.79
C LYS C 163 6.69 -2.78 -8.56
N PRO C 164 5.50 -3.28 -9.00
CA PRO C 164 5.44 -4.64 -9.50
C PRO C 164 6.22 -4.74 -10.82
N ASP C 165 6.49 -3.64 -11.49
CA ASP C 165 7.26 -3.75 -12.73
C ASP C 165 8.80 -3.64 -12.51
N LEU C 166 9.23 -3.68 -11.25
CA LEU C 166 10.61 -3.35 -10.86
C LEU C 166 11.64 -4.02 -11.77
N LEU C 167 11.36 -5.25 -12.09
CA LEU C 167 12.32 -6.12 -12.70
C LEU C 167 11.94 -6.52 -14.15
N ASP C 168 10.99 -5.80 -14.76
CA ASP C 168 10.59 -6.06 -16.13
C ASP C 168 11.75 -5.97 -17.11
N ASN C 169 12.73 -5.12 -16.83
CA ASN C 169 13.86 -4.99 -17.70
C ASN C 169 15.06 -5.73 -17.22
N HIS C 170 14.93 -6.59 -16.19
CA HIS C 170 16.12 -7.27 -15.62
C HIS C 170 15.82 -8.72 -15.32
N PRO C 171 15.59 -9.53 -16.40
CA PRO C 171 15.31 -10.95 -16.21
C PRO C 171 16.36 -11.61 -15.39
N ARG C 172 17.62 -11.18 -15.47
CA ARG C 172 18.63 -11.98 -14.77
C ARG C 172 18.48 -11.80 -13.27
N LEU C 173 17.92 -10.66 -12.86
CA LEU C 173 17.67 -10.43 -11.43
C LEU C 173 16.53 -11.28 -10.94
N VAL C 174 15.52 -11.50 -11.78
CA VAL C 174 14.44 -12.50 -11.53
C VAL C 174 15.02 -13.93 -11.37
N THR C 175 15.87 -14.34 -12.31
CA THR C 175 16.41 -15.69 -12.29
C THR C 175 17.05 -15.88 -10.94
N LEU C 176 17.76 -14.83 -10.50
CA LEU C 176 18.52 -14.90 -9.23
C LEU C 176 17.55 -15.05 -8.08
N ARG C 177 16.49 -14.22 -8.03
CA ARG C 177 15.50 -14.39 -6.97
C ARG C 177 14.94 -15.82 -7.01
N LYS C 178 14.61 -16.32 -8.19
CA LYS C 178 14.03 -17.67 -8.25
C LYS C 178 14.93 -18.78 -7.75
N LYS C 179 16.26 -18.72 -7.99
CA LYS C 179 17.23 -19.67 -7.41
C LYS C 179 17.25 -19.68 -5.91
N VAL C 180 17.21 -18.49 -5.28
CA VAL C 180 17.15 -18.41 -3.83
C VAL C 180 15.84 -19.03 -3.38
N GLN C 181 14.75 -18.69 -4.05
CA GLN C 181 13.43 -19.19 -3.64
C GLN C 181 13.32 -20.71 -3.87
N ALA C 182 14.20 -21.27 -4.72
CA ALA C 182 14.15 -22.71 -5.01
C ALA C 182 14.93 -23.53 -4.00
N ILE C 183 15.79 -22.90 -3.19
CA ILE C 183 16.57 -23.67 -2.19
C ILE C 183 15.54 -24.32 -1.26
N PRO C 184 15.60 -25.67 -1.07
CA PRO C 184 14.36 -26.21 -0.43
C PRO C 184 14.12 -25.75 1.02
N ALA C 185 15.16 -25.55 1.83
CA ALA C 185 14.88 -25.00 3.15
C ALA C 185 14.28 -23.56 3.13
N VAL C 186 14.58 -22.78 2.08
CA VAL C 186 14.05 -21.44 1.99
C VAL C 186 12.62 -21.48 1.47
N ALA C 187 12.40 -22.27 0.42
CA ALA C 187 11.07 -22.57 -0.10
C ALA C 187 10.14 -23.01 1.02
N ASN C 188 10.59 -23.91 1.86
CA ASN C 188 9.77 -24.34 3.02
C ASN C 188 9.33 -23.13 3.91
N TRP C 189 10.32 -22.28 4.25
CA TRP C 189 10.07 -21.11 5.07
C TRP C 189 9.11 -20.14 4.37
N ILE C 190 9.36 -19.84 3.09
CA ILE C 190 8.47 -18.93 2.35
C ILE C 190 6.97 -19.38 2.27
N LYS C 191 6.73 -20.68 2.15
CA LYS C 191 5.32 -21.12 2.11
C LYS C 191 4.67 -21.10 3.48
N ARG C 192 5.44 -21.38 4.53
CA ARG C 192 4.95 -21.37 5.92
C ARG C 192 4.81 -20.01 6.64
N ARG C 193 5.58 -19.01 6.25
CA ARG C 193 5.54 -17.71 6.93
C ARG C 193 4.25 -16.90 6.79
N PRO C 194 3.94 -15.99 7.74
CA PRO C 194 2.78 -15.14 7.61
C PRO C 194 2.90 -14.14 6.47
N GLN C 195 1.76 -13.83 5.87
CA GLN C 195 1.69 -12.93 4.73
C GLN C 195 1.42 -11.51 5.22
N THR C 196 2.43 -10.62 5.04
CA THR C 196 2.32 -9.22 5.44
C THR C 196 2.70 -8.26 4.30
N LYS C 197 2.31 -7.01 4.46
CA LYS C 197 2.67 -5.98 3.48
C LYS C 197 4.25 -5.88 3.51
N LEU C 198 4.81 -5.81 4.71
CA LEU C 198 6.24 -5.52 4.87
C LEU C 198 6.96 -6.71 5.41
N PRO D 1 -16.05 14.23 -28.48
CA PRO D 1 -17.25 14.97 -28.11
C PRO D 1 -16.93 16.07 -27.11
N ASN D 2 -17.80 17.04 -26.95
CA ASN D 2 -17.56 18.11 -26.00
C ASN D 2 -18.08 17.81 -24.55
N TYR D 3 -17.13 17.57 -23.63
CA TYR D 3 -17.39 16.99 -22.28
C TYR D 3 -17.13 18.00 -21.16
N LYS D 4 -18.09 18.15 -20.24
CA LYS D 4 -17.90 19.04 -19.09
C LYS D 4 -18.36 18.34 -17.82
N LEU D 5 -17.43 18.02 -16.94
CA LEU D 5 -17.69 17.34 -15.67
C LEU D 5 -17.91 18.45 -14.60
N THR D 6 -19.01 18.41 -13.85
CA THR D 6 -19.20 19.35 -12.71
C THR D 6 -19.24 18.55 -11.39
N TYR D 7 -18.41 18.93 -10.44
CA TYR D 7 -18.38 18.28 -9.13
C TYR D 7 -17.82 19.31 -8.19
N PHE D 8 -17.78 18.98 -6.89
CA PHE D 8 -16.97 19.72 -5.95
C PHE D 8 -15.45 19.59 -6.19
N ASN D 9 -14.69 20.43 -5.49
CA ASN D 9 -13.25 20.38 -5.53
C ASN D 9 -12.77 19.24 -4.68
N MET D 10 -13.03 18.02 -5.12
CA MET D 10 -12.55 16.86 -4.36
C MET D 10 -12.56 15.67 -5.30
N ARG D 11 -11.92 14.60 -4.87
CA ARG D 11 -11.96 13.40 -5.67
C ARG D 11 -13.37 12.84 -5.63
N GLY D 12 -13.81 12.42 -4.45
CA GLY D 12 -15.13 11.87 -4.19
C GLY D 12 -15.65 11.03 -5.31
N ARG D 13 -16.87 11.36 -5.68
CA ARG D 13 -17.66 10.53 -6.55
C ARG D 13 -17.31 10.85 -8.01
N ALA D 14 -16.52 11.90 -8.27
CA ALA D 14 -16.15 12.27 -9.65
C ALA D 14 -14.92 11.58 -10.14
N GLU D 15 -14.05 11.20 -9.18
CA GLU D 15 -12.71 10.73 -9.49
C GLU D 15 -12.72 9.56 -10.48
N ILE D 16 -13.71 8.65 -10.35
CA ILE D 16 -13.77 7.54 -11.32
C ILE D 16 -13.89 8.00 -12.78
N ILE D 17 -14.66 9.06 -13.00
CA ILE D 17 -14.85 9.62 -14.35
C ILE D 17 -13.53 10.31 -14.81
N ARG D 18 -12.88 11.06 -13.91
CA ARG D 18 -11.55 11.65 -14.16
C ARG D 18 -10.47 10.63 -14.52
N TYR D 19 -10.51 9.43 -13.92
CA TYR D 19 -9.50 8.42 -14.31
C TYR D 19 -9.78 7.89 -15.65
N ILE D 20 -11.06 7.70 -15.95
CA ILE D 20 -11.45 7.13 -17.24
C ILE D 20 -11.07 8.11 -18.38
N PHE D 21 -11.31 9.41 -18.15
CA PHE D 21 -10.96 10.44 -19.18
C PHE D 21 -9.48 10.43 -19.38
N ALA D 22 -8.71 10.44 -18.27
CA ALA D 22 -7.24 10.40 -18.35
C ALA D 22 -6.73 9.20 -19.11
N TYR D 23 -7.18 8.01 -18.73
CA TYR D 23 -6.75 6.80 -19.30
C TYR D 23 -7.08 6.73 -20.82
N LEU D 24 -8.27 7.17 -21.19
CA LEU D 24 -8.68 7.20 -22.62
C LEU D 24 -8.08 8.37 -23.44
N ASP D 25 -7.39 9.32 -22.79
CA ASP D 25 -6.86 10.52 -23.42
C ASP D 25 -7.94 11.40 -24.02
N ILE D 26 -8.93 11.76 -23.21
CA ILE D 26 -10.09 12.44 -23.68
C ILE D 26 -10.03 13.76 -22.94
N GLN D 27 -10.09 14.88 -23.69
CA GLN D 27 -10.08 16.23 -23.07
C GLN D 27 -11.47 16.53 -22.57
N TYR D 28 -11.57 17.25 -21.44
CA TYR D 28 -12.85 17.61 -20.86
C TYR D 28 -12.60 18.80 -19.99
N GLU D 29 -13.67 19.52 -19.68
CA GLU D 29 -13.55 20.60 -18.71
C GLU D 29 -13.81 19.98 -17.34
N ASP D 30 -12.86 20.13 -16.44
CA ASP D 30 -13.00 19.60 -15.09
C ASP D 30 -13.58 20.68 -14.20
N HIS D 31 -14.91 20.89 -14.25
CA HIS D 31 -15.50 22.01 -13.52
C HIS D 31 -15.68 21.72 -12.00
N ARG D 32 -14.91 22.40 -11.15
CA ARG D 32 -15.00 22.18 -9.73
C ARG D 32 -15.76 23.34 -9.11
N ILE D 33 -16.87 23.08 -8.49
CA ILE D 33 -17.63 24.21 -7.95
C ILE D 33 -17.26 24.51 -6.51
N GLU D 34 -17.57 25.74 -6.11
CA GLU D 34 -17.32 26.19 -4.77
C GLU D 34 -18.63 26.05 -4.00
N GLN D 35 -18.53 25.73 -2.71
CA GLN D 35 -19.68 25.53 -1.84
C GLN D 35 -20.79 26.60 -1.92
N ALA D 36 -20.43 27.88 -1.93
CA ALA D 36 -21.43 28.98 -2.02
C ALA D 36 -22.24 29.06 -3.35
N ASP D 37 -21.71 28.44 -4.42
CA ASP D 37 -22.36 28.39 -5.76
C ASP D 37 -23.34 27.19 -5.98
N TRP D 38 -23.31 26.23 -5.05
CA TRP D 38 -24.04 24.94 -5.19
C TRP D 38 -25.58 25.09 -5.12
N PRO D 39 -26.13 25.78 -4.11
CA PRO D 39 -27.59 25.91 -4.04
C PRO D 39 -28.24 26.37 -5.33
N GLU D 40 -27.63 27.31 -6.03
CA GLU D 40 -28.17 27.80 -7.31
C GLU D 40 -27.98 26.80 -8.48
N ILE D 41 -26.83 26.13 -8.55
CA ILE D 41 -26.64 25.06 -9.54
C ILE D 41 -27.50 23.86 -9.16
N LYS D 42 -27.61 23.59 -7.87
CA LYS D 42 -28.37 22.45 -7.37
C LYS D 42 -29.79 22.49 -7.92
N SER D 43 -30.42 23.67 -7.81
CA SER D 43 -31.81 23.83 -8.21
C SER D 43 -32.05 23.65 -9.73
N THR D 44 -31.00 23.63 -10.54
CA THR D 44 -31.14 23.49 -11.98
C THR D 44 -30.99 22.03 -12.48
N LEU D 45 -30.58 21.13 -11.60
CA LEU D 45 -30.30 19.70 -11.92
C LEU D 45 -31.57 18.80 -11.75
N PRO D 46 -31.93 17.99 -12.76
CA PRO D 46 -33.14 17.11 -12.58
C PRO D 46 -33.28 16.33 -11.22
N PHE D 47 -32.16 15.93 -10.60
CA PHE D 47 -32.17 15.14 -9.36
C PHE D 47 -31.31 15.76 -8.21
N GLY D 48 -30.85 17.00 -8.41
CA GLY D 48 -30.18 17.80 -7.35
C GLY D 48 -28.91 17.19 -6.78
N LYS D 49 -28.26 16.32 -7.55
CA LYS D 49 -26.97 15.81 -7.14
C LYS D 49 -25.86 16.00 -8.18
N ILE D 50 -24.63 16.02 -7.68
CA ILE D 50 -23.49 15.85 -8.52
C ILE D 50 -22.67 14.59 -8.11
N PRO D 51 -21.81 14.10 -9.02
CA PRO D 51 -21.46 14.74 -10.29
C PRO D 51 -22.51 14.69 -11.39
N ILE D 52 -22.46 15.70 -12.26
CA ILE D 52 -23.10 15.52 -13.60
C ILE D 52 -22.01 15.60 -14.71
N LEU D 53 -22.31 15.08 -15.88
CA LEU D 53 -21.39 15.25 -17.00
C LEU D 53 -22.23 15.74 -18.15
N GLU D 54 -21.85 16.90 -18.71
CA GLU D 54 -22.48 17.35 -19.96
C GLU D 54 -21.81 16.80 -21.21
N VAL D 55 -22.58 16.22 -22.14
CA VAL D 55 -21.96 15.62 -23.36
C VAL D 55 -22.61 16.36 -24.56
N ASP D 56 -21.82 17.15 -25.29
CA ASP D 56 -22.39 17.93 -26.43
C ASP D 56 -23.72 18.64 -26.09
N GLY D 57 -23.77 19.37 -24.97
CA GLY D 57 -25.03 20.00 -24.55
C GLY D 57 -26.03 19.13 -23.78
N LEU D 58 -25.83 17.80 -23.73
CA LEU D 58 -26.79 16.93 -23.03
C LEU D 58 -26.23 16.51 -21.64
N THR D 59 -27.10 16.52 -20.61
CA THR D 59 -26.66 16.35 -19.22
C THR D 59 -26.89 14.90 -18.83
N LEU D 60 -25.84 14.24 -18.34
CA LEU D 60 -25.93 12.93 -17.67
C LEU D 60 -25.66 13.10 -16.17
N HIS D 61 -26.19 12.17 -15.40
CA HIS D 61 -26.03 12.17 -13.93
C HIS D 61 -25.70 10.75 -13.42
N GLN D 62 -25.29 10.64 -12.14
CA GLN D 62 -25.02 9.38 -11.46
C GLN D 62 -23.67 8.84 -11.90
N SER D 63 -22.74 8.87 -10.97
CA SER D 63 -21.32 8.75 -11.31
C SER D 63 -20.92 7.41 -11.95
N LEU D 64 -21.57 6.32 -11.52
CA LEU D 64 -21.29 5.01 -12.02
C LEU D 64 -22.00 4.79 -13.32
N ALA D 65 -23.17 5.36 -13.53
CA ALA D 65 -23.87 5.24 -14.82
C ALA D 65 -23.02 5.91 -15.93
N ILE D 66 -22.54 7.10 -15.62
CA ILE D 66 -21.64 7.90 -16.51
C ILE D 66 -20.30 7.18 -16.73
N ALA D 67 -19.68 6.68 -15.66
CA ALA D 67 -18.47 5.84 -15.81
C ALA D 67 -18.71 4.66 -16.78
N ARG D 68 -19.88 3.99 -16.66
CA ARG D 68 -20.21 2.93 -17.53
C ARG D 68 -20.39 3.37 -18.99
N TYR D 69 -21.10 4.49 -19.16
CA TYR D 69 -21.33 5.06 -20.49
C TYR D 69 -19.96 5.35 -21.17
N LEU D 70 -19.06 5.98 -20.41
CA LEU D 70 -17.75 6.28 -20.95
C LEU D 70 -16.85 5.09 -21.32
N THR D 71 -17.09 3.90 -20.79
CA THR D 71 -16.10 2.80 -20.97
C THR D 71 -16.69 1.73 -21.83
N LYS D 72 -17.97 1.90 -22.15
CA LYS D 72 -18.61 1.05 -23.15
C LYS D 72 -17.77 0.98 -24.43
N ASN D 73 -17.52 -0.22 -24.90
CA ASN D 73 -16.77 -0.38 -26.16
C ASN D 73 -15.37 0.12 -25.99
N THR D 74 -14.81 0.10 -24.77
CA THR D 74 -13.37 0.37 -24.66
C THR D 74 -12.69 -0.84 -24.08
N ASP D 75 -11.37 -0.81 -23.95
CA ASP D 75 -10.74 -1.97 -23.33
C ASP D 75 -10.90 -1.93 -21.75
N LEU D 76 -11.57 -0.93 -21.20
CA LEU D 76 -11.76 -0.80 -19.75
C LEU D 76 -13.00 -1.57 -19.31
N ALA D 77 -13.78 -2.01 -20.30
CA ALA D 77 -14.90 -2.82 -19.99
C ALA D 77 -14.35 -4.28 -19.94
N GLY D 78 -15.13 -5.18 -19.44
CA GLY D 78 -14.67 -6.60 -19.49
C GLY D 78 -14.74 -7.07 -20.92
N ASN D 79 -14.12 -8.22 -21.17
CA ASN D 79 -14.01 -8.86 -22.52
C ASN D 79 -15.16 -9.73 -23.02
N THR D 80 -16.11 -10.01 -22.12
CA THR D 80 -17.35 -10.68 -22.50
C THR D 80 -18.46 -10.06 -21.65
N GLU D 81 -19.72 -10.33 -22.01
CA GLU D 81 -20.82 -9.89 -21.19
C GLU D 81 -20.74 -10.37 -19.72
N MET D 82 -20.27 -11.60 -19.51
CA MET D 82 -20.18 -12.14 -18.16
C MET D 82 -19.11 -11.32 -17.40
N GLU D 83 -17.99 -11.06 -18.07
CA GLU D 83 -16.95 -10.19 -17.43
C GLU D 83 -17.38 -8.77 -17.17
N GLN D 84 -18.13 -8.17 -18.10
CA GLN D 84 -18.75 -6.86 -17.83
C GLN D 84 -19.61 -6.88 -16.55
N CYS D 85 -20.33 -7.99 -16.31
CA CYS D 85 -21.17 -8.14 -15.12
C CYS D 85 -20.24 -8.22 -13.88
N HIS D 86 -19.19 -9.00 -13.98
CA HIS D 86 -18.23 -9.00 -12.86
C HIS D 86 -17.67 -7.63 -12.55
N VAL D 87 -17.34 -6.85 -13.58
CA VAL D 87 -16.81 -5.45 -13.41
C VAL D 87 -17.82 -4.57 -12.71
N ASP D 88 -19.03 -4.59 -13.22
CA ASP D 88 -20.17 -3.94 -12.51
C ASP D 88 -20.38 -4.34 -11.04
N ALA D 89 -20.26 -5.62 -10.75
CA ALA D 89 -20.54 -6.16 -9.42
C ALA D 89 -19.45 -5.77 -8.44
N ILE D 90 -18.18 -5.85 -8.89
CA ILE D 90 -17.10 -5.27 -8.07
C ILE D 90 -17.29 -3.76 -7.80
N VAL D 91 -17.59 -3.01 -8.81
CA VAL D 91 -17.82 -1.60 -8.62
C VAL D 91 -18.97 -1.36 -7.58
N ASP D 92 -20.09 -2.06 -7.72
CA ASP D 92 -21.19 -1.86 -6.74
C ASP D 92 -20.83 -2.39 -5.33
N THR D 93 -20.02 -3.44 -5.22
CA THR D 93 -19.60 -3.97 -3.89
C THR D 93 -18.82 -2.83 -3.22
N LEU D 94 -17.87 -2.29 -3.98
CA LEU D 94 -17.07 -1.16 -3.45
C LEU D 94 -17.98 0.03 -3.08
N ASP D 95 -18.93 0.35 -3.95
CA ASP D 95 -19.77 1.51 -3.76
C ASP D 95 -20.68 1.34 -2.56
N ASP D 96 -21.24 0.12 -2.37
CA ASP D 96 -22.11 -0.19 -1.27
C ASP D 96 -21.36 0.18 0.00
N PHE D 97 -20.11 -0.17 0.06
CA PHE D 97 -19.36 0.04 1.30
C PHE D 97 -19.05 1.50 1.52
N MET D 98 -18.57 2.21 0.48
CA MET D 98 -18.21 3.63 0.65
C MET D 98 -19.44 4.38 1.15
N SER D 99 -20.62 3.94 0.67
CA SER D 99 -21.88 4.65 0.81
C SER D 99 -22.47 4.41 2.18
N CYS D 100 -22.09 3.30 2.80
CA CYS D 100 -22.25 3.11 4.25
C CYS D 100 -21.65 4.24 5.13
N PHE D 101 -20.55 4.87 4.74
CA PHE D 101 -20.05 5.98 5.57
C PHE D 101 -21.01 7.17 5.54
N PRO D 102 -21.29 7.77 6.74
CA PRO D 102 -22.11 8.98 6.93
C PRO D 102 -21.27 10.27 6.68
N TRP D 103 -20.82 10.39 5.42
CA TRP D 103 -20.07 11.54 4.94
C TRP D 103 -20.77 12.88 5.26
N ALA D 104 -22.11 12.85 5.26
CA ALA D 104 -22.99 14.01 5.41
C ALA D 104 -23.37 14.33 6.89
N GLU D 105 -23.28 13.33 7.76
CA GLU D 105 -23.68 13.45 9.17
C GLU D 105 -23.16 14.71 9.81
N LYS D 106 -24.04 15.45 10.51
CA LYS D 106 -23.57 16.60 11.30
C LYS D 106 -23.25 16.30 12.78
N LYS D 107 -23.95 15.34 13.38
CA LYS D 107 -23.67 14.96 14.76
C LYS D 107 -22.28 14.28 14.85
N GLN D 108 -21.28 15.01 15.35
CA GLN D 108 -19.88 14.57 15.30
C GLN D 108 -19.60 13.28 16.07
N ASP D 109 -20.20 13.09 17.25
CA ASP D 109 -20.10 11.82 18.00
C ASP D 109 -20.73 10.61 17.24
N VAL D 110 -21.80 10.86 16.48
CA VAL D 110 -22.53 9.79 15.75
C VAL D 110 -21.76 9.39 14.47
N LYS D 111 -21.27 10.40 13.74
CA LYS D 111 -20.39 10.21 12.58
C LYS D 111 -19.10 9.49 12.95
N GLU D 112 -18.47 9.92 14.06
CA GLU D 112 -17.18 9.35 14.44
C GLU D 112 -17.30 7.90 14.98
N GLN D 113 -18.40 7.62 15.69
CA GLN D 113 -18.82 6.27 16.11
C GLN D 113 -18.93 5.33 14.89
N MET D 114 -19.77 5.71 13.92
CA MET D 114 -20.00 4.95 12.68
C MET D 114 -18.73 4.74 11.79
N PHE D 115 -18.02 5.79 11.43
CA PHE D 115 -16.66 5.63 10.85
C PHE D 115 -15.81 4.55 11.57
N ASN D 116 -15.48 4.77 12.85
CA ASN D 116 -14.64 3.83 13.58
C ASN D 116 -15.20 2.38 13.55
N GLU D 117 -16.51 2.25 13.68
CA GLU D 117 -17.17 0.95 13.59
C GLU D 117 -16.98 0.24 12.20
N LEU D 118 -17.29 0.98 11.15
CA LEU D 118 -17.12 0.50 9.78
C LEU D 118 -15.69 0.07 9.44
N LEU D 119 -14.76 0.92 9.91
CA LEU D 119 -13.35 0.78 9.62
C LEU D 119 -12.73 -0.33 10.43
N THR D 120 -13.14 -0.42 11.70
CA THR D 120 -12.67 -1.48 12.59
C THR D 120 -13.29 -2.83 12.32
N TYR D 121 -14.62 -2.89 12.19
CA TYR D 121 -15.31 -4.18 12.01
C TYR D 121 -15.52 -4.56 10.52
N ASN D 122 -16.31 -3.79 9.78
CA ASN D 122 -16.69 -4.14 8.38
C ASN D 122 -15.54 -4.22 7.36
N ALA D 123 -14.69 -3.20 7.42
CA ALA D 123 -13.67 -3.00 6.41
C ALA D 123 -12.71 -4.19 6.28
N PRO D 124 -12.22 -4.71 7.41
CA PRO D 124 -11.37 -5.91 7.27
C PRO D 124 -12.06 -7.08 6.60
N HIS D 125 -13.37 -7.26 6.86
CA HIS D 125 -14.06 -8.35 6.15
C HIS D 125 -14.08 -8.14 4.64
N LEU D 126 -14.32 -6.89 4.22
CA LEU D 126 -14.29 -6.53 2.80
C LEU D 126 -12.89 -6.80 2.16
N MET D 127 -11.82 -6.37 2.85
CA MET D 127 -10.46 -6.56 2.36
C MET D 127 -10.19 -8.03 2.16
N GLN D 128 -10.57 -8.83 3.17
CA GLN D 128 -10.36 -10.26 3.10
C GLN D 128 -11.13 -10.80 1.93
N ASP D 129 -12.40 -10.41 1.78
CA ASP D 129 -13.15 -10.96 0.61
C ASP D 129 -12.55 -10.54 -0.74
N LEU D 130 -12.13 -9.28 -0.84
CA LEU D 130 -11.56 -8.79 -2.08
C LEU D 130 -10.25 -9.46 -2.41
N ASP D 131 -9.42 -9.68 -1.40
CA ASP D 131 -8.13 -10.37 -1.58
C ASP D 131 -8.35 -11.84 -1.99
N THR D 132 -9.31 -12.50 -1.37
CA THR D 132 -9.66 -13.88 -1.85
C THR D 132 -10.16 -13.81 -3.29
N TYR D 133 -11.04 -12.85 -3.55
CA TYR D 133 -11.58 -12.70 -4.91
C TYR D 133 -10.47 -12.43 -6.00
N LEU D 134 -9.49 -11.62 -5.67
CA LEU D 134 -8.38 -11.37 -6.60
C LEU D 134 -7.45 -12.62 -6.73
N GLY D 135 -7.25 -13.35 -5.62
CA GLY D 135 -6.34 -14.50 -5.61
C GLY D 135 -4.97 -14.01 -6.10
N GLY D 136 -4.34 -14.80 -6.94
CA GLY D 136 -3.00 -14.42 -7.38
C GLY D 136 -3.05 -13.68 -8.68
N ARG D 137 -4.24 -13.20 -9.10
CA ARG D 137 -4.37 -12.67 -10.46
C ARG D 137 -3.82 -11.25 -10.51
N GLU D 138 -3.45 -10.82 -11.69
CA GLU D 138 -2.98 -9.47 -11.90
C GLU D 138 -4.02 -8.34 -11.67
N TRP D 139 -5.23 -8.55 -12.22
CA TRP D 139 -6.32 -7.54 -12.20
C TRP D 139 -7.57 -8.22 -11.61
N LEU D 140 -8.56 -7.42 -11.19
CA LEU D 140 -9.73 -7.99 -10.55
C LEU D 140 -10.58 -8.85 -11.51
N ILE D 141 -10.72 -8.39 -12.76
CA ILE D 141 -11.51 -9.13 -13.77
C ILE D 141 -10.64 -9.43 -15.03
N GLY D 142 -10.71 -10.64 -15.57
CA GLY D 142 -9.97 -10.95 -16.80
C GLY D 142 -8.45 -10.82 -16.70
N MET D 143 -7.81 -10.66 -17.84
CA MET D 143 -6.34 -10.51 -17.82
C MET D 143 -5.82 -9.12 -18.13
N SER D 144 -6.67 -8.10 -18.03
CA SER D 144 -6.22 -6.73 -18.25
C SER D 144 -7.03 -5.77 -17.36
N VAL D 145 -6.51 -4.55 -17.20
CA VAL D 145 -7.15 -3.56 -16.31
C VAL D 145 -8.57 -3.26 -16.76
N THR D 146 -9.48 -3.04 -15.79
CA THR D 146 -10.80 -2.47 -16.12
C THR D 146 -11.08 -1.33 -15.17
N TRP D 147 -12.18 -0.60 -15.37
CA TRP D 147 -12.48 0.49 -14.45
C TRP D 147 -12.82 0.02 -13.06
N ALA D 148 -13.06 -1.31 -12.88
CA ALA D 148 -13.17 -1.84 -11.50
C ALA D 148 -11.84 -1.74 -10.72
N ASP D 149 -10.71 -2.03 -11.39
CA ASP D 149 -9.40 -1.82 -10.72
C ASP D 149 -9.20 -0.34 -10.38
N PHE D 150 -9.65 0.54 -11.27
CA PHE D 150 -9.61 1.99 -10.99
C PHE D 150 -10.44 2.34 -9.77
N TYR D 151 -11.66 1.81 -9.67
CA TYR D 151 -12.51 2.07 -8.52
C TYR D 151 -11.93 1.54 -7.21
N TRP D 152 -11.27 0.40 -7.28
CA TRP D 152 -10.61 -0.12 -6.09
C TRP D 152 -9.51 0.87 -5.62
N GLU D 153 -8.70 1.31 -6.55
CA GLU D 153 -7.64 2.27 -6.20
C GLU D 153 -8.22 3.57 -5.57
N ILE D 154 -9.30 4.10 -6.19
CA ILE D 154 -9.92 5.35 -5.76
C ILE D 154 -10.53 5.18 -4.36
N CYS D 155 -11.28 4.09 -4.17
CA CYS D 155 -11.97 3.82 -2.90
C CYS D 155 -10.93 3.61 -1.80
N SER D 156 -9.89 2.84 -2.10
CA SER D 156 -8.94 2.48 -1.05
C SER D 156 -8.08 3.69 -0.68
N THR D 157 -7.91 4.63 -1.63
CA THR D 157 -7.15 5.82 -1.34
C THR D 157 -7.92 6.52 -0.22
N THR D 158 -9.23 6.72 -0.38
CA THR D 158 -9.98 7.39 0.70
C THR D 158 -10.01 6.62 2.03
N LEU D 159 -10.16 5.31 1.97
CA LEU D 159 -10.25 4.50 3.18
C LEU D 159 -8.92 4.57 3.97
N LEU D 160 -7.81 4.58 3.21
CA LEU D 160 -6.47 4.64 3.78
C LEU D 160 -6.17 6.01 4.45
N VAL D 161 -6.87 7.09 4.05
CA VAL D 161 -6.83 8.38 4.78
C VAL D 161 -7.23 8.18 6.25
N PHE D 162 -8.21 7.31 6.48
CA PHE D 162 -8.82 7.08 7.78
C PHE D 162 -8.31 5.85 8.49
N LYS D 163 -7.78 4.87 7.76
CA LYS D 163 -7.25 3.67 8.38
C LYS D 163 -5.99 3.20 7.60
N PRO D 164 -4.84 3.84 7.89
CA PRO D 164 -3.61 3.51 7.22
C PRO D 164 -3.15 2.07 7.30
N ASP D 165 -3.49 1.31 8.34
CA ASP D 165 -3.09 -0.12 8.43
C ASP D 165 -4.08 -1.09 7.67
N LEU D 166 -5.05 -0.52 6.94
CA LEU D 166 -6.12 -1.32 6.24
C LEU D 166 -5.57 -2.49 5.47
N LEU D 167 -4.42 -2.29 4.83
CA LEU D 167 -3.91 -3.32 3.93
C LEU D 167 -2.66 -4.03 4.41
N ASP D 168 -2.38 -3.90 5.68
CA ASP D 168 -1.19 -4.53 6.21
C ASP D 168 -1.16 -6.07 6.16
N ASN D 169 -2.33 -6.72 6.10
CA ASN D 169 -2.40 -8.15 5.91
C ASN D 169 -2.63 -8.56 4.44
N HIS D 170 -2.57 -7.61 3.51
CA HIS D 170 -2.98 -7.88 2.13
C HIS D 170 -2.02 -7.22 1.11
N PRO D 171 -0.75 -7.66 1.09
CA PRO D 171 0.17 -7.19 0.07
C PRO D 171 -0.41 -7.22 -1.35
N ARG D 172 -1.20 -8.22 -1.66
CA ARG D 172 -1.69 -8.30 -3.03
C ARG D 172 -2.66 -7.13 -3.32
N LEU D 173 -3.37 -6.63 -2.31
CA LEU D 173 -4.26 -5.52 -2.59
C LEU D 173 -3.49 -4.24 -2.79
N VAL D 174 -2.41 -4.09 -2.04
CA VAL D 174 -1.49 -2.94 -2.21
C VAL D 174 -0.87 -2.94 -3.57
N THR D 175 -0.36 -4.08 -3.97
CA THR D 175 0.23 -4.26 -5.30
C THR D 175 -0.77 -3.90 -6.43
N LEU D 176 -2.00 -4.40 -6.31
CA LEU D 176 -3.05 -3.98 -7.22
C LEU D 176 -3.24 -2.43 -7.25
N ARG D 177 -3.30 -1.73 -6.11
CA ARG D 177 -3.26 -0.27 -6.16
C ARG D 177 -2.05 0.30 -6.96
N LYS D 178 -0.84 -0.16 -6.64
CA LYS D 178 0.38 0.26 -7.37
C LYS D 178 0.26 0.01 -8.88
N LYS D 179 -0.23 -1.17 -9.30
CA LYS D 179 -0.46 -1.45 -10.73
C LYS D 179 -1.27 -0.38 -11.42
N VAL D 180 -2.40 0.00 -10.81
CA VAL D 180 -3.22 1.06 -11.32
C VAL D 180 -2.43 2.40 -11.42
N GLN D 181 -1.74 2.77 -10.34
CA GLN D 181 -1.02 4.04 -10.22
C GLN D 181 0.18 4.19 -11.16
N ALA D 182 0.68 3.06 -11.70
CA ALA D 182 1.85 2.99 -12.57
C ALA D 182 1.45 3.09 -14.03
N ILE D 183 0.17 2.94 -14.34
CA ILE D 183 -0.29 3.09 -15.73
C ILE D 183 0.01 4.53 -16.09
N PRO D 184 0.73 4.76 -17.26
CA PRO D 184 1.30 6.11 -17.40
C PRO D 184 0.27 7.23 -17.35
N ALA D 185 -0.89 7.06 -18.03
CA ALA D 185 -1.90 8.13 -18.06
C ALA D 185 -2.52 8.39 -16.68
N VAL D 186 -2.63 7.36 -15.87
CA VAL D 186 -3.14 7.50 -14.51
C VAL D 186 -2.11 8.20 -13.63
N ALA D 187 -0.85 7.77 -13.76
CA ALA D 187 0.28 8.36 -13.01
C ALA D 187 0.35 9.87 -13.27
N ASN D 188 0.13 10.28 -14.52
CA ASN D 188 0.22 11.67 -14.91
C ASN D 188 -0.95 12.45 -14.29
N TRP D 189 -2.17 11.88 -14.34
CA TRP D 189 -3.32 12.49 -13.67
C TRP D 189 -3.12 12.65 -12.12
N ILE D 190 -2.69 11.60 -11.45
CA ILE D 190 -2.48 11.59 -10.02
C ILE D 190 -1.49 12.67 -9.61
N LYS D 191 -0.33 12.70 -10.30
CA LYS D 191 0.68 13.75 -10.14
C LYS D 191 0.06 15.16 -10.34
N ARG D 192 -0.79 15.37 -11.34
CA ARG D 192 -1.25 16.71 -11.68
C ARG D 192 -2.54 17.22 -11.02
N ARG D 193 -3.31 16.33 -10.40
CA ARG D 193 -4.62 16.69 -9.97
C ARG D 193 -4.51 17.55 -8.70
N PRO D 194 -5.56 18.32 -8.39
CA PRO D 194 -5.64 19.09 -7.13
C PRO D 194 -5.60 18.20 -5.88
N GLN D 195 -4.76 18.60 -4.93
CA GLN D 195 -4.58 17.84 -3.70
C GLN D 195 -5.64 18.12 -2.69
N THR D 196 -6.56 17.17 -2.54
CA THR D 196 -7.69 17.38 -1.62
C THR D 196 -7.67 16.22 -0.67
N LYS D 197 -8.25 16.42 0.52
CA LYS D 197 -8.32 15.35 1.48
C LYS D 197 -9.21 14.23 0.89
N LEU D 198 -10.38 14.64 0.42
CA LEU D 198 -11.59 13.80 0.38
C LEU D 198 -12.23 13.35 1.73
N1 GSH E . -26.24 -3.73 -3.49
CA1 GSH E . -26.37 -5.15 -3.14
C1 GSH E . -27.19 -5.94 -4.16
O11 GSH E . -27.98 -5.33 -4.88
O12 GSH E . -27.12 -7.17 -4.37
CB1 GSH E . -26.94 -5.34 -1.74
CG1 GSH E . -26.55 -6.71 -1.23
CD1 GSH E . -27.08 -6.97 0.17
OE1 GSH E . -26.71 -6.13 1.26
N2 GSH E . -27.88 -8.05 0.26
CA2 GSH E . -28.51 -8.53 1.50
C2 GSH E . -27.67 -9.53 2.23
O2 GSH E . -27.00 -10.49 1.50
CB2 GSH E . -29.88 -9.15 1.20
SG2 GSH E . -31.03 -7.82 0.75
N3 GSH E . -27.66 -9.43 3.55
CA3 GSH E . -27.09 -10.44 4.41
C3 GSH E . -25.88 -9.91 5.12
O31 GSH E . -25.38 -10.61 6.03
O32 GSH E . -25.36 -8.80 4.85
C1 CBD F . -31.63 -3.88 1.88
SA CBD F . -30.22 -3.85 2.69
O1A CBD F . -29.91 -2.44 3.02
O2A CBD F . -29.20 -4.37 1.72
O3A CBD F . -30.24 -4.66 3.95
C2 CBD F . -31.77 -3.24 0.64
N2 CBD F . -30.68 -2.59 0.13
C3 CBD F . -33.00 -3.28 -0.06
C4 CBD F . -33.17 -2.66 -1.31
O4 CBD F . -32.21 -2.05 -1.83
C5 CBD F . -34.39 -2.71 -1.99
C6 CBD F . -34.56 -2.10 -3.23
C7 CBD F . -35.78 -2.15 -3.91
C8 CBD F . -36.87 -2.81 -3.37
C9 CBD F . -36.69 -3.41 -2.13
C10 CBD F . -35.47 -3.38 -1.43
C11 CBD F . -35.33 -4.00 -0.19
O11 CBD F . -36.36 -4.67 0.38
C12 CBD F . -34.10 -3.96 0.48
C13 CBD F . -33.96 -4.59 1.71
C14 CBD F . -32.74 -4.54 2.39
NB CBD F . -35.02 -5.23 2.24
CB1 CBD F . -33.51 -7.49 4.61
SB CBD F . -32.10 -8.25 4.76
O1B CBD F . -31.74 -8.84 3.44
O2B CBD F . -31.08 -7.24 5.16
O3B CBD F . -32.14 -9.37 5.74
CB2 CBD F . -34.55 -7.59 5.54
CB3 CBD F . -35.75 -6.91 5.36
CB4 CBD F . -35.91 -6.10 4.24
CB5 CBD F . -34.88 -5.99 3.31
CB6 CBD F . -33.69 -6.68 3.51
NC CBD F . -34.37 -8.40 6.61
NC1 CBD F . -34.12 -7.60 8.76
CC2 CBD F . -34.61 -7.43 10.00
CL CBD F . -33.61 -6.61 11.24
NC3 CBD F . -35.87 -7.87 10.31
CC4 CBD F . -36.63 -8.50 9.37
NC5 CBD F . -36.13 -8.66 8.13
CC6 CBD F . -34.88 -8.20 7.83
ND CBD F . -37.87 -8.95 9.69
CD1 CBD F . -39.74 -8.65 8.20
SD CBD F . -39.98 -7.11 8.66
O1D CBD F . -38.82 -6.28 8.25
O2D CBD F . -40.10 -7.04 10.14
O3D CBD F . -41.22 -6.53 8.07
CD2 CBD F . -38.71 -9.45 8.74
CD3 CBD F . -38.53 -10.78 8.32
CD4 CBD F . -39.36 -11.35 7.35
CD5 CBD F . -40.37 -10.56 6.80
CD6 CBD F . -40.57 -9.24 7.21
N1 GSH G . 26.87 3.48 3.29
CA1 GSH G . 27.70 3.89 2.13
C1 GSH G . 29.24 3.83 2.44
O11 GSH G . 29.61 3.65 3.57
O12 GSH G . 30.16 3.87 1.63
CB1 GSH G . 27.24 5.22 1.54
CG1 GSH G . 28.18 5.67 0.42
CD1 GSH G . 27.83 7.09 -0.02
OE1 GSH G . 26.50 7.32 -0.40
N2 GSH G . 28.79 8.05 -0.07
CA2 GSH G . 28.49 9.39 -0.58
C2 GSH G . 28.55 9.57 -2.07
O2 GSH G . 29.15 8.65 -2.92
CB2 GSH G . 29.57 10.36 -0.09
SG2 GSH G . 29.85 10.36 1.70
N3 GSH G . 28.03 10.73 -2.50
CA3 GSH G . 28.15 11.27 -3.83
C3 GSH G . 27.05 10.71 -4.71
O31 GSH G . 27.02 11.02 -5.93
O32 GSH G . 26.18 9.95 -4.21
C1 CBD H . 26.44 10.59 4.60
SA CBD H . 25.30 10.16 3.52
O1A CBD H . 25.44 8.73 3.07
O2A CBD H . 25.46 10.95 2.27
O3A CBD H . 23.94 10.34 4.10
C2 CBD H . 26.79 9.74 5.66
N2 CBD H . 26.10 8.58 5.75
C3 CBD H . 27.81 10.08 6.59
C4 CBD H . 28.19 9.22 7.65
O4 CBD H . 27.59 8.11 7.80
C5 CBD H . 29.21 9.58 8.56
C6 CBD H . 29.57 8.71 9.58
C7 CBD H . 30.57 9.03 10.52
C8 CBD H . 31.23 10.23 10.41
C9 CBD H . 30.87 11.11 9.36
C10 CBD H . 29.86 10.81 8.43
C11 CBD H . 29.50 11.68 7.34
O11 CBD H . 30.10 12.89 7.13
C12 CBD H . 28.50 11.31 6.44
C13 CBD H . 28.16 12.16 5.37
C14 CBD H . 27.15 11.81 4.47
NB CBD H . 28.84 13.32 5.26
CB1 CBD H . 28.60 14.63 1.84
SB CBD H . 28.43 14.09 0.31
O1B CBD H . 29.08 12.77 0.18
O2B CBD H . 26.98 13.93 -0.01
O3B CBD H . 29.06 14.98 -0.71
CB2 CBD H . 28.67 16.01 2.14
CB3 CBD H . 28.81 16.45 3.47
CB4 CBD H . 28.86 15.51 4.50
CB5 CBD H . 28.78 14.16 4.22
CB6 CBD H . 28.64 13.70 2.90
NC CBD H . 28.64 16.93 1.15
NC1 CBD H . 26.72 18.26 0.83
CC2 CBD H . 26.12 19.48 0.96
CL CBD H . 24.44 19.75 0.40
NC3 CBD H . 26.78 20.53 1.52
CC4 CBD H . 28.05 20.36 1.95
NC5 CBD H . 28.66 19.15 1.83
CC6 CBD H . 28.01 18.11 1.28
ND CBD H . 28.68 21.42 2.51
CD1 CBD H . 30.14 21.45 4.43
SD CBD H . 28.95 21.80 5.47
O1D CBD H . 27.65 21.23 5.03
O2D CBD H . 28.87 23.27 5.64
O3D CBD H . 29.20 21.24 6.82
CD2 CBD H . 29.92 21.30 3.04
CD3 CBD H . 30.98 21.00 2.17
CD4 CBD H . 32.27 20.84 2.66
CD5 CBD H . 32.49 21.01 4.03
CD6 CBD H . 31.45 21.31 4.89
N1 GSH I . 19.61 -1.20 11.30
CA1 GSH I . 18.82 -1.61 12.48
C1 GSH I . 18.62 -3.13 12.34
O11 GSH I . 18.71 -3.62 11.16
O12 GSH I . 18.45 -3.92 13.32
CB1 GSH I . 17.50 -0.87 12.52
CG1 GSH I . 16.77 -1.13 13.84
CD1 GSH I . 15.43 -0.38 13.77
OE1 GSH I . 15.40 1.01 13.57
N2 GSH I . 14.31 -1.11 13.91
CA2 GSH I . 12.97 -0.56 13.88
C2 GSH I . 12.54 -0.26 15.27
O2 GSH I . 12.96 -1.07 16.33
CB2 GSH I . 11.98 -1.57 13.29
SG2 GSH I . 12.34 -2.06 11.57
N3 GSH I . 11.73 0.78 15.45
CA3 GSH I . 10.86 0.88 16.62
C3 GSH I . 11.24 2.16 17.33
O31 GSH I . 10.70 2.45 18.44
O32 GSH I . 12.10 2.90 16.80
CA CA J . 23.37 0.08 7.24
N1 GSH K . -24.86 7.71 -6.19
CA1 GSH K . -24.71 9.11 -6.63
C1 GSH K . -23.58 9.28 -7.67
O11 GSH K . -22.63 8.45 -7.78
O12 GSH K . -23.60 10.22 -8.49
CB1 GSH K . -24.64 10.05 -5.42
CG1 GSH K . -24.84 11.50 -5.81
CD1 GSH K . -24.66 12.41 -4.57
OE1 GSH K . -25.48 12.22 -3.44
N2 GSH K . -23.74 13.39 -4.62
CA2 GSH K . -23.56 14.30 -3.50
C2 GSH K . -24.39 15.53 -3.60
O2 GSH K . -24.80 15.94 -4.86
CB2 GSH K . -22.09 14.70 -3.28
SG2 GSH K . -21.10 13.19 -3.21
N3 GSH K . -24.62 16.18 -2.44
CA3 GSH K . -25.02 17.56 -2.28
C3 GSH K . -26.53 17.55 -2.21
O31 GSH K . -27.14 18.59 -1.83
O32 GSH K . -27.18 16.50 -2.54
CA CA L . -24.73 2.29 -5.93
#